data_1LVK
#
_entry.id   1LVK
#
_cell.length_a   103.900
_cell.length_b   179.900
_cell.length_c   53.900
_cell.angle_alpha   90.00
_cell.angle_beta   90.00
_cell.angle_gamma   90.00
#
_symmetry.space_group_name_H-M   'P 21 21 2'
#
loop_
_entity.id
_entity.type
_entity.pdbx_description
1 polymer MYOSIN
2 non-polymer 'MAGNESIUM ION'
3 non-polymer "2'(3')-O-N-METHYLANTHRANILOYL-ADENOSINE-5'-DIPHOSPHATE"
4 non-polymer 'BERYLLIUM TRIFLUORIDE ION'
5 water water
#
_entity_poly.entity_id   1
_entity_poly.type   'polypeptide(L)'
_entity_poly.pdbx_seq_one_letter_code
;MNPIHDRTSDYHKYLKVKQGDSDLFKLTVSDKRYIWYNPDPKERDSYECGEIVSETSDSFTFKTSDGQDRQVKKDDANQR
NPIKFDGVEDMSELSYLNEPAVFHNLRVRYNQDLIYTYSGLFLVAVNPFKRIPIYTQEMVDIFKGRRRNEVAPHIFAISD
VAYRSMLDDRQNQSLLITGESGAGKTENTKKVIQYLASVAGRNQANGSGVLEQQILQANPILEAFGNAKTTRNNNSSRFG
KFIEIQFNNAGFISGASIQSYLLEKSRVVFQSTSERNYHIFYQLLAGATAEEKKALHLAGPESFNYLNQSGCVDIKGVSD
EDEFKITRQAMDIVGFSQEEQMSIFKIIAGILHLGNIKFEKGAGEGAVLKDKTALNAASTVFGVNPSVLEKALMEPRILA
GRDLVAQHLNVEKSSSSRDALVKALYGRLFLWLVKKINNVLCSERKAYFIGVLDISGFEIFKVNSFEQLCINYTNEKLQQ
FFNHHMFKVEQEKYLKEKINWTFIDFGLDSQATIDLIDGRQPPGILALLDEQSVFPNATDNTLITKLHSHFSKKNAKYEE
PRFSKTEFGVTHYAGQVMYEIQDWLEKNKDPLQQDLELCFKDSSDNVVTKLFNDPNIASRAKKGANFLTVAAQYKEQLAS
LMATLETTNPHFVRCIIPNNKQLPAKLEDKVVLDQLRCNGVLEGIRITRKGFPNRIIYADFVKRYYDLAPNVPRDAEDSQ
KATDAVLKHLNIDPEQFRFGITKIFFRAGQLARIEEARELPN
;
_entity_poly.pdbx_strand_id   A
#
# COMPACT_ATOMS: atom_id res chain seq x y z
N ASN A 2 17.52 30.50 -0.17
CA ASN A 2 17.08 29.37 -0.97
C ASN A 2 17.94 28.17 -0.67
N PRO A 3 17.45 27.33 0.22
CA PRO A 3 18.21 26.16 0.53
C PRO A 3 18.45 25.39 -0.74
N ILE A 4 17.60 25.64 -1.76
CA ILE A 4 17.73 24.96 -3.07
C ILE A 4 19.03 25.36 -3.73
N HIS A 5 19.41 26.60 -3.47
CA HIS A 5 20.64 27.10 -4.04
C HIS A 5 21.77 27.01 -3.01
N ASP A 6 21.39 26.99 -1.72
CA ASP A 6 22.30 26.89 -0.59
C ASP A 6 22.85 25.47 -0.33
N ARG A 7 23.98 25.18 -0.96
CA ARG A 7 24.65 23.90 -0.84
C ARG A 7 25.02 23.50 0.59
N THR A 8 24.67 24.33 1.57
CA THR A 8 24.94 24.04 2.98
C THR A 8 23.66 23.72 3.77
N SER A 9 22.51 23.85 3.08
CA SER A 9 21.23 23.60 3.73
C SER A 9 20.99 22.12 3.94
N ASP A 10 20.05 21.82 4.87
CA ASP A 10 19.64 20.47 5.18
C ASP A 10 19.01 19.87 3.93
N TYR A 11 18.49 20.78 3.09
CA TYR A 11 17.90 20.45 1.80
C TYR A 11 18.95 19.79 0.93
N HIS A 12 20.10 20.43 0.87
CA HIS A 12 21.14 19.81 0.10
C HIS A 12 21.70 18.55 0.81
N LYS A 13 21.88 18.66 2.12
CA LYS A 13 22.42 17.57 2.90
C LYS A 13 21.63 16.28 2.79
N TYR A 14 20.32 16.41 2.98
CA TYR A 14 19.48 15.22 3.05
C TYR A 14 18.68 14.78 1.84
N LEU A 15 18.64 15.63 0.79
CA LEU A 15 17.80 15.28 -0.37
C LEU A 15 18.52 15.22 -1.67
N LYS A 16 19.78 15.69 -1.66
CA LYS A 16 20.54 15.73 -2.90
C LYS A 16 21.84 14.95 -2.83
N VAL A 17 22.36 14.53 -4.01
CA VAL A 17 23.66 13.97 -4.05
C VAL A 17 24.60 15.20 -3.90
N LYS A 18 25.56 15.14 -2.96
CA LYS A 18 26.46 16.25 -2.70
C LYS A 18 27.23 16.74 -3.94
N GLN A 19 27.25 18.07 -4.15
CA GLN A 19 27.94 18.56 -5.31
C GLN A 19 29.26 19.23 -4.96
N GLY A 20 30.29 18.86 -5.71
CA GLY A 20 31.59 19.46 -5.46
C GLY A 20 31.74 20.78 -6.22
N ASP A 21 32.97 21.24 -6.40
CA ASP A 21 33.27 22.49 -7.07
C ASP A 21 33.01 22.50 -8.57
N SER A 22 33.58 21.50 -9.24
CA SER A 22 33.49 21.39 -10.68
C SER A 22 32.43 20.41 -11.18
N ASP A 23 31.91 20.73 -12.35
CA ASP A 23 30.91 19.91 -12.98
C ASP A 23 31.46 19.21 -14.22
N LEU A 24 32.58 19.76 -14.71
CA LEU A 24 33.33 19.33 -15.88
C LEU A 24 33.23 17.86 -16.26
N PHE A 25 32.78 17.63 -17.49
CA PHE A 25 32.64 16.28 -18.04
C PHE A 25 33.87 15.44 -17.73
N LYS A 26 35.03 16.07 -17.90
CA LYS A 26 36.35 15.51 -17.72
C LYS A 26 36.60 14.62 -16.49
N LEU A 27 36.19 15.03 -15.29
CA LEU A 27 36.44 14.29 -14.05
C LEU A 27 36.14 12.78 -14.10
N THR A 28 34.87 12.56 -14.48
CA THR A 28 34.22 11.28 -14.58
C THR A 28 34.81 10.41 -15.66
N VAL A 29 35.87 10.91 -16.29
CA VAL A 29 36.50 10.15 -17.33
C VAL A 29 37.24 8.88 -16.84
N SER A 30 37.05 7.82 -17.62
CA SER A 30 37.66 6.51 -17.38
C SER A 30 37.53 5.58 -18.59
N ASP A 31 38.57 4.74 -18.75
CA ASP A 31 38.67 3.76 -19.83
C ASP A 31 37.87 2.47 -19.60
N LYS A 32 37.75 2.05 -18.34
CA LYS A 32 37.02 0.86 -17.95
C LYS A 32 35.54 0.88 -18.38
N ARG A 33 35.06 -0.31 -18.76
CA ARG A 33 33.69 -0.56 -19.18
C ARG A 33 33.18 -1.78 -18.46
N TYR A 34 32.19 -1.59 -17.61
CA TYR A 34 31.67 -2.67 -16.78
C TYR A 34 30.37 -3.35 -17.19
N ILE A 35 30.14 -4.45 -16.52
CA ILE A 35 28.94 -5.22 -16.71
C ILE A 35 28.43 -5.75 -15.37
N TRP A 36 27.13 -6.00 -15.26
CA TRP A 36 26.63 -6.55 -14.01
C TRP A 36 26.46 -8.03 -14.26
N TYR A 37 27.00 -8.87 -13.39
CA TYR A 37 26.85 -10.30 -13.61
C TYR A 37 26.51 -10.97 -12.30
N ASN A 38 25.83 -12.10 -12.39
CA ASN A 38 25.49 -12.90 -11.21
C ASN A 38 26.65 -13.78 -10.86
N PRO A 39 27.21 -13.55 -9.68
CA PRO A 39 28.38 -14.30 -9.27
C PRO A 39 28.03 -15.80 -9.13
N ASP A 40 26.90 -16.18 -9.69
CA ASP A 40 26.38 -17.54 -9.74
C ASP A 40 24.86 -17.61 -9.79
N PRO A 41 24.31 -18.44 -10.69
CA PRO A 41 22.87 -18.52 -10.82
C PRO A 41 22.17 -19.27 -9.72
N LYS A 42 22.94 -19.63 -8.70
CA LYS A 42 22.35 -20.25 -7.55
C LYS A 42 21.46 -19.14 -6.96
N GLU A 43 21.84 -17.91 -7.30
CA GLU A 43 21.20 -16.68 -6.88
C GLU A 43 20.31 -16.10 -7.98
N ARG A 44 20.78 -15.01 -8.58
CA ARG A 44 20.13 -14.29 -9.67
C ARG A 44 19.91 -12.80 -9.37
N ASP A 45 19.73 -12.46 -8.10
CA ASP A 45 19.51 -11.07 -7.73
C ASP A 45 20.77 -10.49 -7.15
N SER A 46 21.72 -11.39 -6.90
CA SER A 46 23.00 -11.00 -6.39
C SER A 46 23.88 -10.84 -7.60
N TYR A 47 24.35 -9.64 -7.78
CA TYR A 47 25.16 -9.33 -8.92
C TYR A 47 26.41 -8.68 -8.46
N GLU A 48 27.36 -8.73 -9.35
CA GLU A 48 28.67 -8.19 -9.19
C GLU A 48 29.00 -7.47 -10.47
N CYS A 49 29.92 -6.52 -10.34
CA CYS A 49 30.38 -5.68 -11.41
C CYS A 49 31.62 -6.31 -11.97
N GLY A 50 31.56 -6.61 -13.25
CA GLY A 50 32.68 -7.24 -13.89
C GLY A 50 33.19 -6.33 -14.96
N GLU A 51 34.49 -6.14 -14.99
CA GLU A 51 35.02 -5.26 -16.01
C GLU A 51 35.18 -6.01 -17.30
N ILE A 52 34.74 -5.41 -18.40
CA ILE A 52 34.86 -6.01 -19.70
C ILE A 52 36.32 -5.84 -20.09
N VAL A 53 36.98 -6.98 -20.29
CA VAL A 53 38.40 -7.07 -20.60
C VAL A 53 38.68 -7.24 -22.09
N SER A 54 37.59 -7.57 -22.78
CA SER A 54 37.57 -7.73 -24.22
C SER A 54 36.20 -8.16 -24.70
N GLU A 55 36.06 -8.09 -26.01
CA GLU A 55 34.81 -8.49 -26.56
C GLU A 55 34.98 -8.98 -27.96
N THR A 56 33.97 -9.72 -28.33
CA THR A 56 33.90 -10.22 -29.66
C THR A 56 32.80 -9.48 -30.38
N SER A 57 32.77 -9.71 -31.67
CA SER A 57 31.80 -9.16 -32.55
C SER A 57 30.38 -9.50 -32.08
N ASP A 58 30.26 -10.47 -31.15
CA ASP A 58 28.96 -10.95 -30.66
C ASP A 58 28.81 -11.04 -29.13
N SER A 59 29.90 -10.92 -28.39
CA SER A 59 29.78 -11.06 -26.95
C SER A 59 30.91 -10.37 -26.23
N PHE A 60 30.89 -10.54 -24.93
CA PHE A 60 31.93 -9.94 -24.15
C PHE A 60 32.65 -10.91 -23.24
N THR A 61 33.85 -10.55 -22.95
CA THR A 61 34.56 -11.35 -22.01
C THR A 61 34.92 -10.42 -20.91
N PHE A 62 34.63 -10.79 -19.66
CA PHE A 62 34.95 -9.96 -18.51
C PHE A 62 35.69 -10.73 -17.41
N LYS A 63 36.09 -9.98 -16.41
CA LYS A 63 36.75 -10.57 -15.30
C LYS A 63 35.80 -10.44 -14.15
N THR A 64 35.86 -11.39 -13.25
CA THR A 64 35.03 -11.42 -12.07
C THR A 64 35.76 -10.73 -10.92
N SER A 65 35.11 -10.76 -9.74
CA SER A 65 35.71 -10.19 -8.54
C SER A 65 36.98 -10.97 -8.15
N ASP A 66 36.90 -12.30 -8.28
CA ASP A 66 38.02 -13.20 -8.00
C ASP A 66 39.12 -13.07 -9.04
N GLY A 67 38.75 -12.47 -10.18
CA GLY A 67 39.68 -12.26 -11.28
C GLY A 67 39.39 -13.26 -12.37
N GLN A 68 38.32 -14.01 -12.15
CA GLN A 68 37.90 -15.04 -13.09
C GLN A 68 37.32 -14.44 -14.35
N ASP A 69 37.81 -14.94 -15.49
CA ASP A 69 37.35 -14.48 -16.78
C ASP A 69 36.25 -15.35 -17.37
N ARG A 70 35.10 -14.68 -17.51
CA ARG A 70 33.86 -15.21 -18.05
C ARG A 70 33.52 -14.51 -19.37
N GLN A 71 32.47 -15.00 -20.02
CA GLN A 71 32.07 -14.46 -21.29
C GLN A 71 30.58 -14.44 -21.32
N VAL A 72 30.06 -13.47 -22.06
CA VAL A 72 28.63 -13.26 -22.15
C VAL A 72 28.21 -12.71 -23.47
N LYS A 73 26.99 -13.05 -23.77
CA LYS A 73 26.46 -12.60 -25.01
C LYS A 73 26.22 -11.13 -24.86
N LYS A 74 26.60 -10.41 -25.88
CA LYS A 74 26.37 -9.00 -25.89
C LYS A 74 24.85 -8.85 -25.71
N ASP A 75 24.14 -9.72 -26.36
CA ASP A 75 22.71 -9.70 -26.32
C ASP A 75 22.11 -10.14 -24.99
N ASP A 76 22.98 -10.57 -24.10
CA ASP A 76 22.48 -10.99 -22.79
C ASP A 76 23.09 -10.19 -21.65
N ALA A 77 23.94 -9.25 -22.03
CA ALA A 77 24.69 -8.44 -21.10
C ALA A 77 23.94 -7.32 -20.46
N ASN A 78 24.20 -7.21 -19.16
CA ASN A 78 23.67 -6.15 -18.32
C ASN A 78 24.77 -5.11 -18.14
N GLN A 79 24.87 -4.23 -19.15
CA GLN A 79 25.89 -3.21 -19.13
C GLN A 79 25.69 -2.27 -17.97
N ARG A 80 26.80 -1.84 -17.39
CA ARG A 80 26.76 -0.93 -16.28
C ARG A 80 26.78 0.49 -16.84
N ASN A 81 25.91 1.34 -16.30
CA ASN A 81 25.84 2.72 -16.69
C ASN A 81 27.11 3.46 -16.24
N PRO A 82 27.49 4.45 -17.02
CA PRO A 82 28.64 5.27 -16.68
C PRO A 82 28.43 5.94 -15.31
N ILE A 83 29.51 6.00 -14.51
CA ILE A 83 29.53 6.57 -13.17
C ILE A 83 28.76 7.87 -13.03
N LYS A 84 28.81 8.69 -14.06
CA LYS A 84 28.08 9.92 -14.04
C LYS A 84 26.59 9.65 -13.76
N PHE A 85 26.12 8.52 -14.23
CA PHE A 85 24.71 8.25 -14.01
C PHE A 85 24.40 7.75 -12.59
N ASP A 86 25.45 7.43 -11.83
CA ASP A 86 25.20 6.93 -10.49
C ASP A 86 24.58 7.98 -9.57
N GLY A 87 23.35 7.74 -9.18
CA GLY A 87 22.73 8.66 -8.26
C GLY A 87 21.68 9.52 -8.90
N VAL A 88 21.41 9.30 -10.20
CA VAL A 88 20.37 10.14 -10.84
C VAL A 88 19.00 10.10 -10.13
N GLU A 89 18.30 11.25 -10.17
CA GLU A 89 17.06 11.43 -9.53
C GLU A 89 15.90 10.76 -10.24
N ASP A 90 16.14 10.28 -11.46
CA ASP A 90 15.07 9.62 -12.21
C ASP A 90 15.66 8.44 -12.97
N MET A 91 15.13 7.26 -12.75
CA MET A 91 15.73 6.13 -13.45
C MET A 91 15.58 6.26 -14.96
N SER A 92 14.61 7.08 -15.38
CA SER A 92 14.34 7.41 -16.78
C SER A 92 15.57 8.06 -17.49
N GLU A 93 16.50 8.54 -16.67
CA GLU A 93 17.74 9.14 -17.14
C GLU A 93 18.83 8.09 -17.47
N LEU A 94 18.72 6.87 -16.93
CA LEU A 94 19.71 5.84 -17.22
C LEU A 94 19.69 5.44 -18.67
N SER A 95 20.88 5.22 -19.21
CA SER A 95 21.04 4.78 -20.58
C SER A 95 20.72 3.29 -20.75
N TYR A 96 21.41 2.46 -19.95
CA TYR A 96 21.26 1.00 -19.80
C TYR A 96 20.20 0.77 -18.72
N LEU A 97 19.08 0.20 -19.11
CA LEU A 97 17.92 0.10 -18.24
C LEU A 97 17.54 -1.31 -17.86
N ASN A 98 18.52 -2.00 -17.35
CA ASN A 98 18.39 -3.39 -16.93
C ASN A 98 18.16 -3.45 -15.43
N GLU A 99 17.80 -4.61 -14.96
CA GLU A 99 17.52 -4.84 -13.56
C GLU A 99 18.61 -4.43 -12.59
N PRO A 100 19.79 -5.06 -12.73
CA PRO A 100 20.90 -4.75 -11.82
C PRO A 100 21.22 -3.24 -11.88
N ALA A 101 21.10 -2.62 -13.07
CA ALA A 101 21.41 -1.22 -13.22
C ALA A 101 20.44 -0.38 -12.43
N VAL A 102 19.19 -0.74 -12.52
CA VAL A 102 18.16 -0.04 -11.80
C VAL A 102 18.36 -0.21 -10.29
N PHE A 103 18.69 -1.45 -9.86
CA PHE A 103 18.88 -1.64 -8.45
C PHE A 103 20.06 -0.81 -7.99
N HIS A 104 21.07 -0.80 -8.82
CA HIS A 104 22.28 -0.08 -8.48
C HIS A 104 22.04 1.40 -8.23
N ASN A 105 21.19 2.02 -9.04
CA ASN A 105 20.94 3.46 -8.84
C ASN A 105 20.21 3.70 -7.55
N LEU A 106 19.26 2.83 -7.33
CA LEU A 106 18.54 2.95 -6.10
C LEU A 106 19.42 2.84 -4.85
N ARG A 107 20.30 1.81 -4.90
CA ARG A 107 21.23 1.51 -3.81
C ARG A 107 22.23 2.67 -3.59
N VAL A 108 22.80 3.20 -4.72
CA VAL A 108 23.73 4.34 -4.60
C VAL A 108 23.02 5.47 -3.82
N ARG A 109 21.75 5.71 -4.19
CA ARG A 109 20.93 6.72 -3.55
C ARG A 109 20.70 6.39 -2.13
N TYR A 110 20.27 5.14 -1.85
CA TYR A 110 19.93 4.77 -0.49
C TYR A 110 21.17 4.84 0.44
N ASN A 111 22.32 4.57 -0.15
CA ASN A 111 23.60 4.64 0.60
C ASN A 111 23.90 6.07 1.09
N GLN A 112 23.22 7.04 0.53
CA GLN A 112 23.41 8.42 0.93
C GLN A 112 22.16 8.87 1.58
N ASP A 113 21.35 7.92 2.01
CA ASP A 113 20.11 8.20 2.67
C ASP A 113 19.12 8.96 1.78
N LEU A 114 19.26 8.78 0.46
CA LEU A 114 18.30 9.40 -0.46
C LEU A 114 17.25 8.31 -0.74
N ILE A 115 16.15 8.34 0.00
CA ILE A 115 15.13 7.31 -0.05
C ILE A 115 14.09 7.47 -1.16
N TYR A 116 14.05 8.64 -1.78
CA TYR A 116 13.10 8.90 -2.87
C TYR A 116 13.79 9.00 -4.21
N THR A 117 13.24 8.30 -5.23
CA THR A 117 13.77 8.29 -6.58
C THR A 117 12.62 8.12 -7.56
N TYR A 118 12.62 8.88 -8.65
CA TYR A 118 11.60 8.72 -9.66
C TYR A 118 12.02 7.61 -10.57
N SER A 119 11.01 6.99 -11.17
CA SER A 119 11.19 6.02 -12.21
C SER A 119 10.09 6.32 -13.25
N GLY A 120 10.37 7.23 -14.17
CA GLY A 120 9.31 7.63 -15.10
C GLY A 120 8.18 8.24 -14.32
N LEU A 121 6.99 7.63 -14.44
CA LEU A 121 5.84 8.12 -13.73
C LEU A 121 5.84 7.78 -12.25
N PHE A 122 6.65 6.84 -11.83
CA PHE A 122 6.58 6.52 -10.42
C PHE A 122 7.58 7.29 -9.55
N LEU A 123 7.16 7.42 -8.31
CA LEU A 123 8.01 7.90 -7.26
C LEU A 123 8.29 6.63 -6.45
N VAL A 124 9.53 6.24 -6.42
CA VAL A 124 9.94 5.12 -5.62
C VAL A 124 10.39 5.60 -4.24
N ALA A 125 9.95 4.92 -3.22
CA ALA A 125 10.28 5.32 -1.88
C ALA A 125 10.72 4.11 -1.08
N VAL A 126 12.02 4.07 -0.68
CA VAL A 126 12.57 2.98 0.10
C VAL A 126 12.57 3.33 1.61
N ASN A 127 11.95 2.53 2.47
CA ASN A 127 11.92 2.79 3.89
C ASN A 127 13.32 2.84 4.43
N PRO A 128 13.63 3.93 5.12
CA PRO A 128 14.95 4.09 5.70
C PRO A 128 15.07 3.32 7.02
N PHE A 129 13.96 3.07 7.68
CA PHE A 129 14.06 2.39 8.96
C PHE A 129 14.95 3.16 9.94
N LYS A 130 14.96 4.47 9.79
CA LYS A 130 15.62 5.40 10.67
C LYS A 130 15.10 6.79 10.37
N ARG A 131 15.25 7.72 11.28
CA ARG A 131 14.75 9.06 11.02
C ARG A 131 15.69 9.88 10.16
N ILE A 132 15.05 10.55 9.20
CA ILE A 132 15.62 11.48 8.22
C ILE A 132 14.79 12.74 8.33
N PRO A 133 15.42 13.81 8.79
CA PRO A 133 14.71 15.04 9.06
C PRO A 133 14.39 15.84 7.82
N ILE A 134 13.53 15.23 6.96
CA ILE A 134 13.15 15.87 5.73
C ILE A 134 11.67 16.25 5.70
N TYR A 135 11.00 16.14 6.81
CA TYR A 135 9.58 16.42 6.76
C TYR A 135 9.20 17.60 7.63
N THR A 136 10.12 18.55 7.83
CA THR A 136 9.86 19.69 8.65
C THR A 136 9.07 20.71 7.89
N GLN A 137 8.60 21.71 8.65
CA GLN A 137 7.89 22.77 8.02
C GLN A 137 8.77 23.47 7.03
N GLU A 138 10.02 23.53 7.39
CA GLU A 138 10.97 24.18 6.53
C GLU A 138 11.10 23.41 5.23
N MET A 139 11.09 22.08 5.32
CA MET A 139 11.19 21.29 4.10
C MET A 139 9.88 21.46 3.30
N VAL A 140 8.74 21.55 4.01
CA VAL A 140 7.46 21.78 3.37
C VAL A 140 7.55 22.99 2.46
N ASP A 141 8.03 24.07 3.05
CA ASP A 141 8.18 25.36 2.45
C ASP A 141 8.91 25.43 1.15
N ILE A 142 10.00 24.66 1.03
CA ILE A 142 10.78 24.63 -0.21
C ILE A 142 10.08 23.93 -1.42
N PHE A 143 9.20 22.98 -1.19
CA PHE A 143 8.57 22.33 -2.32
C PHE A 143 7.39 23.13 -2.90
N LYS A 144 7.02 24.23 -2.26
CA LYS A 144 5.88 25.02 -2.72
C LYS A 144 6.02 25.57 -4.09
N GLY A 145 5.10 25.17 -4.93
CA GLY A 145 5.06 25.60 -6.31
C GLY A 145 6.25 25.17 -7.15
N ARG A 146 7.02 24.18 -6.71
CA ARG A 146 8.19 23.80 -7.51
C ARG A 146 7.93 22.64 -8.43
N ARG A 147 8.42 22.71 -9.66
CA ARG A 147 8.24 21.65 -10.61
C ARG A 147 9.09 20.44 -10.20
N ARG A 148 8.61 19.25 -10.59
CA ARG A 148 9.28 17.97 -10.32
C ARG A 148 10.77 18.02 -10.65
N ASN A 149 11.07 18.57 -11.84
CA ASN A 149 12.40 18.74 -12.36
C ASN A 149 13.21 19.85 -11.64
N GLU A 150 12.54 20.62 -10.76
CA GLU A 150 13.16 21.73 -10.11
C GLU A 150 13.64 21.38 -8.71
N VAL A 151 13.12 20.31 -8.16
CA VAL A 151 13.53 19.94 -6.82
C VAL A 151 13.81 18.45 -6.75
N ALA A 152 14.47 18.03 -5.68
CA ALA A 152 14.82 16.66 -5.48
C ALA A 152 13.54 15.84 -5.37
N PRO A 153 13.66 14.55 -5.58
CA PRO A 153 12.53 13.68 -5.39
C PRO A 153 12.11 13.70 -3.91
N HIS A 154 10.80 13.75 -3.68
CA HIS A 154 10.24 13.75 -2.34
C HIS A 154 8.75 13.48 -2.44
N ILE A 155 8.15 12.89 -1.41
CA ILE A 155 6.72 12.78 -1.37
C ILE A 155 6.03 14.16 -1.44
N PHE A 156 6.69 15.18 -0.91
CA PHE A 156 6.17 16.54 -0.91
C PHE A 156 6.10 17.05 -2.28
N ALA A 157 7.05 16.64 -3.07
CA ALA A 157 7.12 17.09 -4.40
C ALA A 157 5.93 16.59 -5.19
N ILE A 158 5.72 15.30 -5.12
CA ILE A 158 4.58 14.74 -5.86
C ILE A 158 3.25 15.33 -5.33
N SER A 159 3.21 15.57 -4.02
CA SER A 159 2.07 16.19 -3.45
C SER A 159 1.82 17.62 -4.04
N ASP A 160 2.88 18.40 -4.16
CA ASP A 160 2.78 19.74 -4.73
C ASP A 160 2.33 19.67 -6.20
N VAL A 161 2.91 18.74 -6.96
CA VAL A 161 2.53 18.60 -8.37
C VAL A 161 1.04 18.28 -8.52
N ALA A 162 0.51 17.46 -7.60
CA ALA A 162 -0.89 17.12 -7.63
C ALA A 162 -1.76 18.35 -7.32
N TYR A 163 -1.39 19.06 -6.29
CA TYR A 163 -2.10 20.25 -5.89
C TYR A 163 -2.12 21.30 -7.01
N ARG A 164 -0.99 21.48 -7.71
CA ARG A 164 -0.89 22.45 -8.79
C ARG A 164 -1.71 22.06 -9.98
N SER A 165 -1.66 20.79 -10.28
CA SER A 165 -2.41 20.26 -11.40
C SER A 165 -3.89 20.41 -11.11
N MET A 166 -4.25 20.15 -9.90
CA MET A 166 -5.63 20.27 -9.55
C MET A 166 -6.11 21.71 -9.84
N LEU A 167 -5.38 22.70 -9.35
CA LEU A 167 -5.74 24.11 -9.57
C LEU A 167 -5.59 24.63 -11.01
N ASP A 168 -4.59 24.14 -11.71
CA ASP A 168 -4.33 24.57 -13.04
C ASP A 168 -5.21 23.90 -14.06
N ASP A 169 -5.52 22.64 -13.87
CA ASP A 169 -6.29 21.88 -14.80
C ASP A 169 -7.73 21.76 -14.40
N ARG A 170 -8.00 22.14 -13.18
CA ARG A 170 -9.36 22.03 -12.65
C ARG A 170 -9.83 20.62 -12.79
N GLN A 171 -8.97 19.74 -12.34
CA GLN A 171 -9.24 18.30 -12.42
C GLN A 171 -8.90 17.64 -11.10
N ASN A 172 -9.73 16.73 -10.65
CA ASN A 172 -9.45 16.01 -9.41
C ASN A 172 -8.18 15.16 -9.59
N GLN A 173 -7.49 14.88 -8.44
CA GLN A 173 -6.27 14.13 -8.50
C GLN A 173 -6.32 12.93 -7.59
N SER A 174 -5.35 12.01 -7.85
CA SER A 174 -5.21 10.87 -6.97
C SER A 174 -3.71 10.49 -6.84
N LEU A 175 -3.38 9.98 -5.63
CA LEU A 175 -2.08 9.46 -5.23
C LEU A 175 -2.30 8.04 -4.67
N LEU A 176 -1.75 7.09 -5.43
CA LEU A 176 -1.86 5.72 -5.05
C LEU A 176 -0.51 5.30 -4.50
N ILE A 177 -0.57 5.03 -3.20
CA ILE A 177 0.56 4.65 -2.37
C ILE A 177 0.36 3.20 -1.91
N THR A 178 1.12 2.30 -2.58
CA THR A 178 1.06 0.87 -2.40
C THR A 178 2.43 0.25 -2.17
N GLY A 179 2.42 -1.02 -1.77
CA GLY A 179 3.62 -1.76 -1.46
C GLY A 179 3.35 -2.64 -0.24
N GLU A 180 4.38 -3.44 0.15
CA GLU A 180 4.25 -4.37 1.26
C GLU A 180 4.15 -3.76 2.63
N SER A 181 3.70 -4.60 3.56
CA SER A 181 3.54 -4.21 4.91
C SER A 181 4.89 -3.77 5.41
N GLY A 182 4.90 -2.63 6.06
CA GLY A 182 6.19 -2.14 6.55
C GLY A 182 6.99 -1.32 5.54
N ALA A 183 6.53 -1.15 4.28
CA ALA A 183 7.17 -0.40 3.19
C ALA A 183 7.21 1.12 3.41
N GLY A 184 6.29 1.67 4.16
CA GLY A 184 6.22 3.12 4.47
C GLY A 184 5.01 3.83 3.90
N LYS A 185 3.98 3.09 3.42
CA LYS A 185 2.74 3.66 2.87
C LYS A 185 1.99 4.71 3.74
N THR A 186 1.71 4.33 4.96
CA THR A 186 1.01 5.11 5.92
C THR A 186 1.82 6.34 6.27
N GLU A 187 3.10 6.16 6.53
CA GLU A 187 3.92 7.32 6.84
C GLU A 187 3.89 8.34 5.69
N ASN A 188 4.06 7.86 4.48
CA ASN A 188 4.00 8.67 3.30
C ASN A 188 2.62 9.26 3.11
N THR A 189 1.59 8.53 3.44
CA THR A 189 0.25 9.06 3.34
C THR A 189 0.08 10.25 4.28
N LYS A 190 0.58 10.08 5.50
CA LYS A 190 0.49 11.14 6.48
C LYS A 190 1.20 12.41 6.04
N LYS A 191 2.28 12.24 5.35
CA LYS A 191 3.08 13.34 4.85
C LYS A 191 2.37 14.09 3.72
N VAL A 192 1.68 13.36 2.84
CA VAL A 192 0.90 14.00 1.82
C VAL A 192 -0.14 14.88 2.47
N ILE A 193 -0.79 14.33 3.47
CA ILE A 193 -1.81 15.14 4.09
C ILE A 193 -1.23 16.33 4.84
N GLN A 194 -0.08 16.16 5.44
CA GLN A 194 0.48 17.22 6.18
C GLN A 194 0.83 18.30 5.24
N TYR A 195 1.36 17.88 4.15
CA TYR A 195 1.75 18.81 3.16
C TYR A 195 0.56 19.59 2.66
N LEU A 196 -0.49 18.87 2.31
CA LEU A 196 -1.64 19.54 1.76
C LEU A 196 -2.21 20.52 2.79
N ALA A 197 -2.28 20.06 4.03
CA ALA A 197 -2.81 20.87 5.10
C ALA A 197 -2.05 22.16 5.19
N SER A 198 -0.78 22.11 4.88
CA SER A 198 -0.03 23.29 4.96
C SER A 198 -0.19 24.14 3.70
N VAL A 199 0.03 23.58 2.53
CA VAL A 199 -0.05 24.48 1.40
C VAL A 199 -1.41 25.07 1.10
N ALA A 200 -2.46 24.44 1.62
CA ALA A 200 -3.81 24.83 1.29
C ALA A 200 -4.71 25.01 2.47
N GLY A 201 -4.15 25.12 3.67
CA GLY A 201 -5.01 25.25 4.85
C GLY A 201 -5.34 26.70 5.12
N ARG A 202 -6.42 26.97 5.86
CA ARG A 202 -6.78 28.33 6.19
C ARG A 202 -6.06 28.83 7.45
N ASN A 203 -4.88 29.40 7.18
CA ASN A 203 -3.89 29.94 8.11
C ASN A 203 -4.37 30.64 9.36
N GLN A 204 -3.82 31.85 9.53
CA GLN A 204 -4.09 32.67 10.69
C GLN A 204 -3.19 32.15 11.82
N ALA A 205 -3.67 31.07 12.47
CA ALA A 205 -2.95 30.36 13.53
C ALA A 205 -1.93 29.43 12.84
N GLY A 209 -5.96 26.06 12.45
CA GLY A 209 -7.07 25.60 11.63
C GLY A 209 -7.89 24.50 12.30
N VAL A 210 -9.19 24.71 12.40
CA VAL A 210 -10.10 23.79 13.07
C VAL A 210 -10.47 22.56 12.25
N LEU A 211 -10.84 22.77 11.00
CA LEU A 211 -11.17 21.64 10.17
C LEU A 211 -9.89 20.83 9.95
N GLU A 212 -8.85 21.54 9.62
CA GLU A 212 -7.56 20.98 9.36
C GLU A 212 -7.10 20.09 10.52
N GLN A 213 -7.26 20.62 11.71
CA GLN A 213 -6.93 19.92 12.91
C GLN A 213 -7.77 18.66 13.03
N GLN A 214 -9.06 18.79 12.74
CA GLN A 214 -9.92 17.63 12.79
C GLN A 214 -9.50 16.59 11.74
N ILE A 215 -9.14 17.06 10.56
CA ILE A 215 -8.66 16.17 9.53
C ILE A 215 -7.43 15.45 10.01
N LEU A 216 -6.47 16.19 10.60
CA LEU A 216 -5.28 15.56 11.10
C LEU A 216 -5.55 14.60 12.23
N GLN A 217 -6.49 14.95 13.06
CA GLN A 217 -6.80 14.10 14.18
C GLN A 217 -7.60 12.87 13.86
N ALA A 218 -8.07 12.71 12.64
CA ALA A 218 -8.85 11.51 12.37
C ALA A 218 -7.94 10.29 12.26
N ASN A 219 -6.77 10.44 11.66
CA ASN A 219 -5.84 9.32 11.53
C ASN A 219 -5.63 8.51 12.79
N PRO A 220 -5.17 9.20 13.83
CA PRO A 220 -4.87 8.69 15.16
C PRO A 220 -5.98 7.86 15.74
N ILE A 221 -7.20 8.33 15.50
CA ILE A 221 -8.36 7.61 15.94
C ILE A 221 -8.41 6.29 15.18
N LEU A 222 -8.29 6.41 13.86
CA LEU A 222 -8.35 5.25 13.03
C LEU A 222 -7.20 4.29 13.27
N GLU A 223 -6.03 4.80 13.56
CA GLU A 223 -4.94 3.89 13.76
C GLU A 223 -5.03 3.13 15.05
N ALA A 224 -5.66 3.74 16.05
CA ALA A 224 -5.77 3.09 17.35
C ALA A 224 -6.65 1.86 17.23
N PHE A 225 -7.70 2.04 16.43
CA PHE A 225 -8.67 1.00 16.19
C PHE A 225 -8.36 0.03 15.04
N GLY A 226 -7.55 0.46 14.06
CA GLY A 226 -7.29 -0.39 12.90
C GLY A 226 -5.87 -0.79 12.67
N ASN A 227 -5.00 -0.39 13.59
CA ASN A 227 -3.60 -0.69 13.41
C ASN A 227 -3.14 -1.55 14.57
N ALA A 228 -2.16 -2.42 14.29
CA ALA A 228 -1.61 -3.38 15.24
C ALA A 228 -0.21 -3.78 14.90
N LYS A 229 0.47 -4.21 15.96
CA LYS A 229 1.79 -4.71 15.80
C LYS A 229 1.76 -6.10 15.19
N THR A 230 2.42 -6.26 14.07
CA THR A 230 2.57 -7.54 13.45
C THR A 230 4.06 -7.83 13.41
N THR A 231 4.41 -8.99 12.88
CA THR A 231 5.83 -9.33 12.74
C THR A 231 6.53 -8.52 11.66
N ARG A 232 5.79 -7.89 10.78
CA ARG A 232 6.38 -7.09 9.72
C ARG A 232 6.39 -5.58 10.03
N ASN A 233 5.53 -5.15 10.95
CA ASN A 233 5.46 -3.73 11.25
C ASN A 233 4.84 -3.54 12.59
N ASN A 234 5.45 -2.71 13.43
CA ASN A 234 4.92 -2.40 14.72
C ASN A 234 3.64 -1.59 14.68
N ASN A 235 3.40 -0.96 13.55
CA ASN A 235 2.22 -0.16 13.47
C ASN A 235 1.50 -0.46 12.20
N SER A 236 1.26 -1.76 11.96
CA SER A 236 0.62 -2.22 10.72
C SER A 236 -0.83 -1.77 10.57
N SER A 237 -1.21 -1.26 9.37
CA SER A 237 -2.58 -0.86 9.09
C SER A 237 -3.31 -2.15 8.76
N ARG A 238 -4.32 -2.54 9.54
CA ARG A 238 -5.05 -3.78 9.24
C ARG A 238 -6.39 -3.51 8.50
N PHE A 239 -6.37 -2.44 7.72
CA PHE A 239 -7.46 -2.01 6.86
C PHE A 239 -6.81 -1.18 5.77
N GLY A 240 -7.46 -1.10 4.62
CA GLY A 240 -7.05 -0.27 3.53
C GLY A 240 -7.87 1.00 3.60
N LYS A 241 -7.34 2.06 2.97
CA LYS A 241 -8.13 3.30 3.01
C LYS A 241 -7.92 4.20 1.83
N PHE A 242 -8.97 4.97 1.57
CA PHE A 242 -8.92 5.93 0.52
C PHE A 242 -9.41 7.23 1.13
N ILE A 243 -8.51 8.20 1.21
CA ILE A 243 -8.87 9.48 1.83
C ILE A 243 -9.02 10.55 0.78
N GLU A 244 -10.16 11.24 0.87
CA GLU A 244 -10.39 12.29 -0.05
C GLU A 244 -10.24 13.65 0.65
N ILE A 245 -9.22 14.36 0.23
CA ILE A 245 -9.03 15.70 0.75
C ILE A 245 -9.77 16.63 -0.23
N GLN A 246 -10.83 17.26 0.34
CA GLN A 246 -11.75 18.17 -0.38
C GLN A 246 -11.31 19.66 -0.35
N PHE A 247 -11.39 20.32 -1.52
CA PHE A 247 -11.00 21.71 -1.69
C PHE A 247 -12.07 22.55 -2.37
N ASN A 248 -12.14 23.83 -2.01
CA ASN A 248 -13.09 24.70 -2.68
C ASN A 248 -12.42 25.18 -3.95
N ASN A 249 -13.12 25.96 -4.77
CA ASN A 249 -12.63 26.48 -6.04
C ASN A 249 -11.37 27.30 -5.88
N ALA A 250 -11.21 27.87 -4.71
CA ALA A 250 -10.05 28.71 -4.41
C ALA A 250 -8.80 27.87 -4.11
N GLY A 251 -8.95 26.56 -3.88
CA GLY A 251 -7.77 25.72 -3.60
C GLY A 251 -7.51 25.58 -2.10
N PHE A 252 -8.48 25.90 -1.27
CA PHE A 252 -8.41 25.75 0.16
C PHE A 252 -9.19 24.53 0.55
N ILE A 253 -8.65 23.83 1.55
CA ILE A 253 -9.27 22.62 2.03
C ILE A 253 -10.63 22.89 2.58
N SER A 254 -11.60 22.16 2.04
CA SER A 254 -12.95 22.38 2.44
C SER A 254 -13.50 21.23 3.20
N GLY A 255 -12.83 20.12 3.18
CA GLY A 255 -13.37 19.01 3.95
C GLY A 255 -12.54 17.76 3.66
N ALA A 256 -13.11 16.60 4.01
CA ALA A 256 -12.47 15.35 3.69
C ALA A 256 -13.42 14.20 3.93
N SER A 257 -13.09 13.10 3.30
CA SER A 257 -13.85 11.87 3.48
C SER A 257 -12.91 10.68 3.55
N ILE A 258 -13.32 9.65 4.30
CA ILE A 258 -12.54 8.41 4.39
C ILE A 258 -13.34 7.21 4.03
N GLN A 259 -12.77 6.39 3.15
CA GLN A 259 -13.31 5.09 2.82
C GLN A 259 -12.33 4.02 3.39
N SER A 260 -12.83 3.07 4.22
CA SER A 260 -12.02 1.97 4.76
C SER A 260 -12.36 0.63 4.09
N TYR A 261 -11.39 -0.27 3.95
CA TYR A 261 -11.66 -1.54 3.36
C TYR A 261 -10.95 -2.66 4.08
N LEU A 262 -11.55 -3.84 4.03
CA LEU A 262 -10.98 -5.09 4.49
C LEU A 262 -10.39 -5.06 5.89
N LEU A 263 -11.08 -4.60 6.86
CA LEU A 263 -10.50 -4.60 8.20
C LEU A 263 -10.33 -6.03 8.66
N GLU A 264 -9.18 -6.34 9.27
CA GLU A 264 -8.87 -7.66 9.78
C GLU A 264 -9.55 -7.93 11.11
N LYS A 265 -10.85 -8.18 11.02
CA LYS A 265 -11.64 -8.41 12.21
C LYS A 265 -11.14 -9.62 12.99
N SER A 266 -10.59 -10.59 12.26
CA SER A 266 -10.16 -11.77 12.97
C SER A 266 -9.08 -11.52 14.05
N ARG A 267 -8.28 -10.48 13.85
CA ARG A 267 -7.21 -10.19 14.81
C ARG A 267 -7.74 -9.93 16.19
N VAL A 268 -9.01 -9.52 16.25
CA VAL A 268 -9.55 -9.25 17.57
C VAL A 268 -9.56 -10.51 18.47
N VAL A 269 -9.73 -11.68 17.87
CA VAL A 269 -9.92 -12.88 18.63
C VAL A 269 -8.72 -13.76 18.62
N PHE A 270 -7.83 -13.46 17.72
CA PHE A 270 -6.63 -14.25 17.62
C PHE A 270 -5.47 -13.46 17.06
N GLN A 271 -4.32 -13.66 17.67
CA GLN A 271 -3.09 -13.06 17.17
C GLN A 271 -1.92 -14.08 17.16
N SER A 272 -1.07 -14.02 16.14
CA SER A 272 0.10 -14.86 16.08
C SER A 272 1.12 -14.45 17.17
N THR A 273 1.98 -15.38 17.54
CA THR A 273 2.95 -15.05 18.57
C THR A 273 3.86 -13.88 18.19
N SER A 274 4.07 -13.02 19.17
CA SER A 274 4.85 -11.82 19.04
C SER A 274 3.99 -10.63 18.61
N GLU A 275 2.86 -10.90 17.95
CA GLU A 275 1.97 -9.84 17.48
C GLU A 275 1.08 -9.33 18.58
N ARG A 276 0.39 -8.23 18.31
CA ARG A 276 -0.50 -7.71 19.32
C ARG A 276 -1.87 -7.65 18.69
N ASN A 277 -2.91 -7.45 19.51
CA ASN A 277 -4.26 -7.16 19.05
C ASN A 277 -4.25 -5.66 18.67
N TYR A 278 -5.40 -5.07 18.29
CA TYR A 278 -5.43 -3.67 17.96
C TYR A 278 -4.91 -2.84 19.10
N HIS A 279 -4.21 -1.75 18.78
CA HIS A 279 -3.65 -0.82 19.77
C HIS A 279 -4.58 -0.36 20.89
N ILE A 280 -5.82 -0.06 20.56
CA ILE A 280 -6.71 0.47 21.56
C ILE A 280 -6.90 -0.43 22.71
N PHE A 281 -6.75 -1.71 22.50
CA PHE A 281 -6.99 -2.55 23.62
C PHE A 281 -5.99 -2.24 24.72
N TYR A 282 -4.77 -2.06 24.29
CA TYR A 282 -3.68 -1.77 25.22
C TYR A 282 -3.74 -0.38 25.75
N GLN A 283 -4.26 0.53 24.94
CA GLN A 283 -4.40 1.92 25.33
C GLN A 283 -5.41 2.10 26.43
N LEU A 284 -6.52 1.45 26.27
CA LEU A 284 -7.52 1.54 27.29
C LEU A 284 -7.01 1.02 28.63
N LEU A 285 -6.55 -0.23 28.62
CA LEU A 285 -6.09 -0.92 29.81
C LEU A 285 -4.90 -0.28 30.50
N ALA A 286 -4.17 0.58 29.80
CA ALA A 286 -3.00 1.26 30.34
C ALA A 286 -3.32 2.68 30.76
N GLY A 287 -4.14 3.33 29.93
CA GLY A 287 -4.56 4.72 30.12
C GLY A 287 -5.85 4.96 30.92
N ALA A 288 -6.72 3.95 31.10
CA ALA A 288 -7.95 4.14 31.88
C ALA A 288 -7.62 4.53 33.34
N THR A 289 -8.36 5.48 33.93
CA THR A 289 -8.13 5.92 35.31
C THR A 289 -8.59 4.81 36.21
N ALA A 290 -7.85 4.57 37.29
CA ALA A 290 -8.21 3.48 38.19
C ALA A 290 -9.72 3.43 38.43
N GLU A 291 -10.35 4.58 38.21
CA GLU A 291 -11.78 4.74 38.39
C GLU A 291 -12.61 4.22 37.22
N GLU A 292 -12.09 4.39 36.02
CA GLU A 292 -12.82 3.91 34.85
C GLU A 292 -12.66 2.43 34.73
N LYS A 293 -11.55 1.94 35.30
CA LYS A 293 -11.28 0.52 35.28
C LYS A 293 -12.36 -0.22 36.01
N LYS A 294 -12.52 0.20 37.28
CA LYS A 294 -13.51 -0.34 38.18
C LYS A 294 -14.85 -0.35 37.47
N ALA A 295 -15.18 0.76 36.85
CA ALA A 295 -16.43 0.85 36.16
C ALA A 295 -16.48 -0.06 34.94
N LEU A 296 -15.29 -0.50 34.51
CA LEU A 296 -15.21 -1.35 33.34
C LEU A 296 -14.79 -2.80 33.61
N HIS A 297 -14.53 -3.12 34.84
CA HIS A 297 -14.17 -4.49 35.13
C HIS A 297 -12.89 -4.86 34.44
N LEU A 298 -12.07 -3.82 34.27
CA LEU A 298 -10.79 -3.97 33.62
C LEU A 298 -9.66 -4.37 34.51
N ALA A 299 -8.85 -5.25 33.97
CA ALA A 299 -7.65 -5.72 34.59
C ALA A 299 -6.48 -5.57 33.60
N GLY A 300 -5.46 -6.39 33.81
CA GLY A 300 -4.34 -6.33 32.93
C GLY A 300 -4.59 -7.20 31.71
N PRO A 301 -3.84 -6.90 30.66
CA PRO A 301 -3.92 -7.68 29.44
C PRO A 301 -3.71 -9.16 29.69
N GLU A 302 -2.91 -9.45 30.67
CA GLU A 302 -2.66 -10.85 30.96
C GLU A 302 -3.94 -11.51 31.47
N SER A 303 -4.82 -10.70 32.02
CA SER A 303 -6.10 -11.21 32.48
C SER A 303 -7.08 -11.38 31.33
N PHE A 304 -6.68 -11.16 30.09
CA PHE A 304 -7.66 -11.27 29.01
C PHE A 304 -7.25 -12.23 27.96
N ASN A 305 -8.17 -13.13 27.62
CA ASN A 305 -7.91 -14.15 26.61
C ASN A 305 -7.51 -13.59 25.26
N TYR A 306 -8.17 -12.50 24.87
CA TYR A 306 -7.91 -11.92 23.57
C TYR A 306 -6.61 -11.14 23.53
N LEU A 307 -5.92 -11.02 24.67
CA LEU A 307 -4.66 -10.24 24.72
C LEU A 307 -3.49 -10.98 25.37
N ASN A 308 -3.76 -12.16 25.87
CA ASN A 308 -2.79 -12.92 26.63
C ASN A 308 -2.30 -14.14 25.88
N GLN A 309 -2.63 -14.21 24.62
CA GLN A 309 -2.15 -15.29 23.85
C GLN A 309 -0.84 -15.11 23.08
N SER A 310 -0.63 -13.98 22.43
CA SER A 310 0.57 -13.85 21.59
C SER A 310 1.88 -13.78 22.34
N GLY A 311 1.86 -13.47 23.60
CA GLY A 311 3.15 -13.35 24.23
C GLY A 311 3.66 -11.91 24.19
N CYS A 312 3.04 -11.10 23.35
CA CYS A 312 3.48 -9.73 23.28
C CYS A 312 2.36 -8.80 23.72
N VAL A 313 2.67 -7.90 24.66
CA VAL A 313 1.66 -6.97 25.12
C VAL A 313 2.12 -5.52 25.04
N ASP A 314 3.37 -5.34 24.69
CA ASP A 314 3.93 -4.03 24.55
C ASP A 314 4.76 -3.85 23.28
N ILE A 315 4.89 -2.59 22.85
CA ILE A 315 5.65 -2.25 21.65
C ILE A 315 6.85 -1.44 22.07
N LYS A 316 8.00 -1.86 21.57
CA LYS A 316 9.23 -1.19 21.93
C LYS A 316 9.19 0.29 21.64
N GLY A 317 9.38 1.04 22.72
CA GLY A 317 9.39 2.47 22.58
C GLY A 317 8.01 3.00 22.31
N VAL A 318 7.02 2.36 22.90
CA VAL A 318 5.65 2.78 22.79
C VAL A 318 4.97 2.74 24.13
N SER A 319 4.39 3.92 24.50
CA SER A 319 3.63 4.13 25.73
C SER A 319 2.14 4.10 25.46
N ASP A 320 1.55 2.95 25.74
CA ASP A 320 0.12 2.80 25.50
C ASP A 320 -0.69 3.87 26.20
N GLU A 321 -0.32 4.13 27.45
CA GLU A 321 -1.01 5.12 28.24
C GLU A 321 -0.82 6.49 27.62
N ASP A 322 0.39 6.74 27.14
CA ASP A 322 0.62 8.03 26.51
C ASP A 322 -0.20 8.12 25.23
N GLU A 323 -0.34 6.98 24.54
CA GLU A 323 -1.10 6.91 23.29
C GLU A 323 -2.60 7.06 23.53
N PHE A 324 -3.08 6.48 24.63
CA PHE A 324 -4.47 6.60 24.99
C PHE A 324 -4.91 8.07 25.08
N LYS A 325 -3.98 8.87 25.58
CA LYS A 325 -4.21 10.28 25.79
C LYS A 325 -4.41 10.93 24.46
N ILE A 326 -3.46 10.63 23.59
CA ILE A 326 -3.47 11.12 22.23
C ILE A 326 -4.77 10.75 21.57
N THR A 327 -5.17 9.48 21.77
CA THR A 327 -6.42 8.97 21.22
C THR A 327 -7.64 9.73 21.70
N ARG A 328 -7.75 9.88 23.03
CA ARG A 328 -8.87 10.60 23.63
C ARG A 328 -8.84 12.07 23.20
N GLN A 329 -7.63 12.60 23.14
CA GLN A 329 -7.42 13.95 22.71
C GLN A 329 -8.04 14.13 21.32
N ALA A 330 -7.66 13.30 20.36
CA ALA A 330 -8.21 13.32 18.99
C ALA A 330 -9.74 13.17 18.94
N MET A 331 -10.30 12.26 19.73
CA MET A 331 -11.73 12.08 19.72
C MET A 331 -12.41 13.36 20.12
N ASP A 332 -11.80 14.05 21.07
CA ASP A 332 -12.29 15.32 21.55
C ASP A 332 -12.32 16.34 20.43
N ILE A 333 -11.18 16.45 19.72
CA ILE A 333 -11.05 17.39 18.61
C ILE A 333 -12.06 17.11 17.53
N VAL A 334 -12.04 15.86 17.06
CA VAL A 334 -13.00 15.50 16.07
C VAL A 334 -14.36 15.92 16.60
N GLY A 335 -14.70 15.43 17.77
CA GLY A 335 -15.95 15.83 18.36
C GLY A 335 -16.71 14.68 18.97
N PHE A 336 -15.99 13.74 19.53
CA PHE A 336 -16.69 12.65 20.16
C PHE A 336 -17.08 13.11 21.54
N SER A 337 -18.38 13.04 21.79
CA SER A 337 -18.90 13.44 23.06
C SER A 337 -18.38 12.51 24.11
N GLN A 338 -18.25 13.01 25.32
CA GLN A 338 -17.75 12.20 26.37
C GLN A 338 -18.61 10.96 26.46
N GLU A 339 -19.87 11.16 26.21
CA GLU A 339 -20.77 10.06 26.31
C GLU A 339 -20.44 8.95 25.29
N GLU A 340 -20.14 9.39 24.08
CA GLU A 340 -19.77 8.49 23.01
C GLU A 340 -18.44 7.85 23.30
N GLN A 341 -17.52 8.63 23.82
CA GLN A 341 -16.25 8.07 24.15
C GLN A 341 -16.43 6.94 25.16
N MET A 342 -17.35 7.18 26.06
CA MET A 342 -17.64 6.24 27.11
C MET A 342 -18.04 4.93 26.55
N SER A 343 -19.09 4.97 25.72
CA SER A 343 -19.58 3.79 25.03
C SER A 343 -18.56 3.07 24.09
N ILE A 344 -17.72 3.82 23.37
CA ILE A 344 -16.73 3.17 22.54
C ILE A 344 -15.84 2.28 23.39
N PHE A 345 -15.44 2.86 24.53
CA PHE A 345 -14.57 2.21 25.49
C PHE A 345 -15.26 1.05 26.14
N LYS A 346 -16.57 1.24 26.35
CA LYS A 346 -17.39 0.21 26.92
C LYS A 346 -17.46 -0.98 25.98
N ILE A 347 -17.57 -0.67 24.67
CA ILE A 347 -17.59 -1.69 23.62
C ILE A 347 -16.27 -2.48 23.60
N ILE A 348 -15.17 -1.72 23.71
CA ILE A 348 -13.82 -2.27 23.80
C ILE A 348 -13.70 -3.24 24.99
N ALA A 349 -14.20 -2.76 26.16
CA ALA A 349 -14.22 -3.53 27.38
C ALA A 349 -15.01 -4.80 27.21
N GLY A 350 -16.28 -4.55 26.80
CA GLY A 350 -17.23 -5.64 26.56
C GLY A 350 -16.61 -6.76 25.72
N ILE A 351 -16.00 -6.37 24.59
CA ILE A 351 -15.37 -7.34 23.73
C ILE A 351 -14.34 -8.13 24.49
N LEU A 352 -13.53 -7.43 25.30
CA LEU A 352 -12.53 -8.16 26.07
C LEU A 352 -13.24 -9.14 26.97
N HIS A 353 -14.37 -8.69 27.54
CA HIS A 353 -15.22 -9.53 28.41
C HIS A 353 -15.72 -10.77 27.66
N LEU A 354 -16.29 -10.57 26.46
CA LEU A 354 -16.78 -11.69 25.65
C LEU A 354 -15.71 -12.75 25.45
N GLY A 355 -14.48 -12.29 25.33
CA GLY A 355 -13.38 -13.20 25.09
C GLY A 355 -13.07 -14.08 26.30
N ASN A 356 -13.41 -13.60 27.48
CA ASN A 356 -13.12 -14.34 28.69
C ASN A 356 -14.14 -15.36 29.09
N ILE A 357 -15.15 -15.53 28.27
CA ILE A 357 -16.22 -16.51 28.46
C ILE A 357 -15.68 -17.90 28.18
N LYS A 358 -15.88 -18.78 29.14
CA LYS A 358 -15.42 -20.13 29.04
C LYS A 358 -16.55 -21.15 29.00
N PHE A 359 -16.81 -21.63 27.81
CA PHE A 359 -17.86 -22.58 27.61
C PHE A 359 -17.40 -23.95 28.10
N GLU A 360 -18.31 -24.64 28.80
CA GLU A 360 -18.03 -25.96 29.28
C GLU A 360 -19.05 -26.97 28.72
N LYS A 361 -18.70 -28.26 28.82
CA LYS A 361 -19.54 -29.35 28.34
C LYS A 361 -20.24 -30.13 29.44
N GLY A 362 -19.77 -31.39 29.58
CA GLY A 362 -20.24 -32.42 30.51
C GLY A 362 -21.68 -32.85 30.19
N ALA A 363 -22.61 -32.28 30.98
CA ALA A 363 -24.06 -32.46 30.94
C ALA A 363 -24.54 -33.39 29.83
N GLY A 364 -24.08 -33.07 28.63
CA GLY A 364 -24.39 -33.85 27.47
C GLY A 364 -23.35 -33.49 26.45
N GLU A 365 -23.81 -32.74 25.45
CA GLU A 365 -22.92 -32.28 24.42
C GLU A 365 -22.98 -30.76 24.27
N GLY A 366 -24.15 -30.20 24.63
CA GLY A 366 -24.42 -28.78 24.59
C GLY A 366 -23.65 -28.06 25.68
N ALA A 367 -23.29 -26.81 25.39
CA ALA A 367 -22.51 -26.00 26.30
C ALA A 367 -23.29 -25.31 27.40
N VAL A 368 -22.61 -25.18 28.54
CA VAL A 368 -23.15 -24.57 29.74
C VAL A 368 -22.21 -23.49 30.26
N LEU A 369 -22.75 -22.54 31.02
CA LEU A 369 -21.93 -21.48 31.57
C LEU A 369 -21.92 -21.53 33.10
N LYS A 370 -21.06 -22.38 33.62
CA LYS A 370 -20.94 -22.57 35.06
C LYS A 370 -20.72 -21.25 35.76
N ASP A 371 -19.82 -20.47 35.17
CA ASP A 371 -19.47 -19.14 35.63
C ASP A 371 -19.98 -18.13 34.60
N LYS A 372 -20.49 -17.02 35.12
CA LYS A 372 -21.12 -15.97 34.34
C LYS A 372 -20.55 -14.60 34.63
N THR A 373 -19.42 -14.59 35.31
CA THR A 373 -18.82 -13.30 35.59
C THR A 373 -18.58 -12.53 34.32
N ALA A 374 -17.81 -13.15 33.42
CA ALA A 374 -17.44 -12.54 32.16
C ALA A 374 -18.69 -12.12 31.43
N LEU A 375 -19.60 -13.07 31.38
CA LEU A 375 -20.87 -12.77 30.77
C LEU A 375 -21.50 -11.52 31.38
N ASN A 376 -21.61 -11.53 32.69
CA ASN A 376 -22.21 -10.42 33.38
C ASN A 376 -21.57 -9.11 33.03
N ALA A 377 -20.23 -9.16 32.99
CA ALA A 377 -19.33 -8.04 32.70
C ALA A 377 -19.57 -7.50 31.31
N ALA A 378 -19.59 -8.39 30.34
CA ALA A 378 -19.86 -7.90 29.00
C ALA A 378 -21.26 -7.34 28.95
N SER A 379 -22.22 -8.08 29.50
CA SER A 379 -23.60 -7.61 29.44
C SER A 379 -23.80 -6.21 29.99
N THR A 380 -23.17 -6.00 31.14
CA THR A 380 -23.25 -4.69 31.76
C THR A 380 -22.74 -3.55 30.87
N VAL A 381 -21.48 -3.67 30.48
CA VAL A 381 -20.82 -2.67 29.66
C VAL A 381 -21.55 -2.42 28.35
N PHE A 382 -22.13 -3.48 27.82
CA PHE A 382 -22.85 -3.44 26.56
C PHE A 382 -24.23 -2.93 26.74
N GLY A 383 -24.80 -3.19 27.93
CA GLY A 383 -26.15 -2.72 28.18
C GLY A 383 -27.20 -3.62 27.54
N VAL A 384 -26.91 -4.92 27.53
CA VAL A 384 -27.80 -5.95 27.02
C VAL A 384 -28.17 -6.88 28.19
N ASN A 385 -29.15 -7.75 28.00
CA ASN A 385 -29.57 -8.65 29.04
C ASN A 385 -28.82 -9.99 29.02
N PRO A 386 -28.05 -10.19 30.07
CA PRO A 386 -27.25 -11.38 30.23
C PRO A 386 -27.93 -12.67 29.91
N SER A 387 -29.15 -12.85 30.40
CA SER A 387 -29.79 -14.13 30.16
C SER A 387 -30.07 -14.32 28.68
N VAL A 388 -30.43 -13.21 28.08
CA VAL A 388 -30.75 -13.18 26.67
C VAL A 388 -29.50 -13.44 25.87
N LEU A 389 -28.46 -12.78 26.33
CA LEU A 389 -27.20 -12.94 25.66
C LEU A 389 -26.83 -14.42 25.71
N GLU A 390 -26.89 -14.91 26.93
CA GLU A 390 -26.55 -16.25 27.27
C GLU A 390 -27.21 -17.27 26.37
N LYS A 391 -28.51 -17.12 26.21
CA LYS A 391 -29.23 -18.07 25.40
C LYS A 391 -28.93 -17.88 23.92
N ALA A 392 -28.78 -16.60 23.53
CA ALA A 392 -28.49 -16.21 22.16
C ALA A 392 -27.17 -16.82 21.74
N LEU A 393 -26.28 -17.06 22.71
CA LEU A 393 -24.99 -17.68 22.46
C LEU A 393 -25.03 -19.19 22.40
N MET A 394 -25.68 -19.82 23.40
CA MET A 394 -25.68 -21.27 23.33
C MET A 394 -26.94 -21.89 22.80
N GLU A 395 -28.03 -21.16 22.86
CA GLU A 395 -29.28 -21.72 22.42
C GLU A 395 -30.00 -20.83 21.46
N PRO A 396 -29.31 -20.52 20.36
CA PRO A 396 -29.88 -19.69 19.35
C PRO A 396 -31.07 -20.38 18.70
N ARG A 397 -32.13 -19.62 18.41
CA ARG A 397 -33.28 -20.14 17.70
C ARG A 397 -33.03 -20.25 16.19
N ILE A 398 -33.15 -21.44 15.64
CA ILE A 398 -32.88 -21.57 14.23
C ILE A 398 -34.06 -22.10 13.44
N LEU A 399 -34.24 -21.44 12.30
CA LEU A 399 -35.30 -21.72 11.34
C LEU A 399 -35.15 -22.99 10.51
N ALA A 400 -35.96 -24.00 10.82
CA ALA A 400 -35.94 -25.24 10.06
C ALA A 400 -37.07 -25.30 9.06
N GLY A 401 -37.33 -24.17 8.41
CA GLY A 401 -38.40 -24.14 7.44
C GLY A 401 -39.56 -23.29 7.88
N ARG A 402 -40.42 -23.96 8.62
CA ARG A 402 -41.57 -23.31 9.19
C ARG A 402 -41.28 -23.16 10.66
N ASP A 403 -40.52 -24.15 11.12
CA ASP A 403 -40.04 -24.27 12.47
C ASP A 403 -38.90 -23.31 12.81
N LEU A 404 -39.05 -22.65 13.92
CA LEU A 404 -38.05 -21.80 14.44
C LEU A 404 -37.79 -22.40 15.80
N VAL A 405 -36.74 -23.17 15.91
CA VAL A 405 -36.44 -23.83 17.15
C VAL A 405 -35.05 -23.50 17.69
N ALA A 406 -34.97 -23.31 19.00
CA ALA A 406 -33.70 -23.05 19.66
C ALA A 406 -32.79 -24.27 19.67
N GLN A 407 -31.52 -24.03 19.36
CA GLN A 407 -30.52 -25.09 19.34
C GLN A 407 -29.49 -24.94 20.42
N HIS A 408 -29.13 -26.08 20.93
CA HIS A 408 -28.18 -26.15 21.99
C HIS A 408 -26.80 -26.37 21.42
N LEU A 409 -26.08 -25.29 21.16
CA LEU A 409 -24.77 -25.45 20.62
C LEU A 409 -23.82 -25.96 21.65
N ASN A 410 -22.95 -26.81 21.12
CA ASN A 410 -21.82 -27.39 21.82
C ASN A 410 -20.86 -26.27 22.16
N VAL A 411 -19.67 -26.61 22.69
CA VAL A 411 -18.66 -25.65 23.14
C VAL A 411 -17.99 -24.85 22.01
N GLU A 412 -17.52 -25.60 21.04
CA GLU A 412 -16.83 -25.10 19.89
C GLU A 412 -17.70 -24.21 19.07
N LYS A 413 -18.98 -24.62 18.95
CA LYS A 413 -19.94 -23.85 18.19
C LYS A 413 -20.34 -22.62 19.00
N SER A 414 -20.44 -22.84 20.29
CA SER A 414 -20.78 -21.76 21.13
C SER A 414 -19.65 -20.73 21.03
N SER A 415 -18.45 -21.25 21.07
CA SER A 415 -17.24 -20.44 21.06
C SER A 415 -17.05 -19.59 19.82
N SER A 416 -17.27 -20.23 18.69
CA SER A 416 -17.22 -19.62 17.37
C SER A 416 -18.23 -18.51 17.27
N SER A 417 -19.41 -18.77 17.82
CA SER A 417 -20.51 -17.81 17.81
C SER A 417 -20.15 -16.53 18.53
N ARG A 418 -19.55 -16.75 19.70
CA ARG A 418 -19.06 -15.70 20.55
C ARG A 418 -18.02 -14.92 19.76
N ASP A 419 -17.13 -15.66 19.10
CA ASP A 419 -16.14 -15.00 18.27
C ASP A 419 -16.75 -14.13 17.16
N ALA A 420 -17.78 -14.70 16.50
CA ALA A 420 -18.48 -13.98 15.45
C ALA A 420 -19.12 -12.72 16.00
N LEU A 421 -19.66 -12.83 17.24
CA LEU A 421 -20.27 -11.68 17.90
C LEU A 421 -19.25 -10.56 18.11
N VAL A 422 -18.10 -10.96 18.61
CA VAL A 422 -17.05 -10.02 18.82
C VAL A 422 -16.60 -9.38 17.51
N LYS A 423 -16.37 -10.19 16.47
CA LYS A 423 -15.92 -9.61 15.21
C LYS A 423 -16.92 -8.64 14.63
N ALA A 424 -18.22 -8.95 14.74
CA ALA A 424 -19.26 -8.08 14.24
C ALA A 424 -19.28 -6.79 15.02
N LEU A 425 -19.16 -6.87 16.32
CA LEU A 425 -19.14 -5.67 17.11
C LEU A 425 -18.03 -4.73 16.73
N TYR A 426 -16.83 -5.29 16.57
CA TYR A 426 -15.62 -4.57 16.23
C TYR A 426 -15.66 -3.96 14.84
N GLY A 427 -16.09 -4.74 13.85
CA GLY A 427 -16.17 -4.22 12.48
C GLY A 427 -17.19 -3.10 12.38
N ARG A 428 -18.30 -3.32 13.07
CA ARG A 428 -19.38 -2.31 13.09
C ARG A 428 -18.94 -1.05 13.80
N LEU A 429 -18.31 -1.20 14.94
CA LEU A 429 -17.80 0.00 15.59
C LEU A 429 -16.83 0.78 14.72
N PHE A 430 -15.97 0.05 14.04
CA PHE A 430 -15.01 0.66 13.19
C PHE A 430 -15.70 1.42 12.11
N LEU A 431 -16.72 0.80 11.54
CA LEU A 431 -17.49 1.47 10.48
C LEU A 431 -18.16 2.77 10.99
N TRP A 432 -18.73 2.64 12.16
CA TRP A 432 -19.40 3.71 12.89
C TRP A 432 -18.41 4.84 13.15
N LEU A 433 -17.22 4.49 13.61
CA LEU A 433 -16.23 5.50 13.85
C LEU A 433 -15.98 6.27 12.57
N VAL A 434 -15.80 5.54 11.48
CA VAL A 434 -15.53 6.17 10.20
C VAL A 434 -16.64 7.16 9.78
N LYS A 435 -17.85 6.67 9.90
CA LYS A 435 -18.98 7.51 9.52
C LYS A 435 -19.06 8.70 10.40
N LYS A 436 -18.86 8.49 11.68
CA LYS A 436 -18.89 9.60 12.62
C LYS A 436 -17.90 10.67 12.16
N ILE A 437 -16.71 10.23 11.86
CA ILE A 437 -15.70 11.19 11.44
C ILE A 437 -16.08 11.83 10.10
N ASN A 438 -16.60 11.06 9.19
CA ASN A 438 -16.93 11.66 7.94
C ASN A 438 -17.98 12.74 8.10
N ASN A 439 -18.88 12.51 9.03
CA ASN A 439 -19.97 13.44 9.32
C ASN A 439 -19.38 14.77 9.68
N VAL A 440 -18.39 14.71 10.50
CA VAL A 440 -17.71 15.91 10.84
C VAL A 440 -16.95 16.51 9.68
N LEU A 441 -16.15 15.75 9.00
CA LEU A 441 -15.33 16.39 8.01
C LEU A 441 -15.91 16.58 6.61
N CYS A 442 -16.80 15.66 6.29
CA CYS A 442 -17.29 15.59 4.97
C CYS A 442 -18.17 16.74 4.59
N SER A 443 -17.94 17.22 3.36
CA SER A 443 -18.68 18.32 2.71
C SER A 443 -19.40 17.88 1.44
N GLU A 444 -20.72 18.02 1.47
CA GLU A 444 -21.54 17.66 0.34
C GLU A 444 -21.27 18.61 -0.82
N ARG A 445 -20.73 19.79 -0.50
CA ARG A 445 -20.47 20.74 -1.53
C ARG A 445 -19.01 21.03 -1.85
N LYS A 446 -18.22 20.01 -2.22
CA LYS A 446 -16.84 20.32 -2.58
C LYS A 446 -16.66 20.60 -4.07
N ALA A 447 -15.64 21.38 -4.38
CA ALA A 447 -15.39 21.69 -5.75
C ALA A 447 -14.45 20.69 -6.38
N TYR A 448 -13.36 20.38 -5.66
CA TYR A 448 -12.30 19.51 -6.16
C TYR A 448 -11.83 18.58 -5.04
N PHE A 449 -11.05 17.54 -5.45
CA PHE A 449 -10.50 16.65 -4.39
C PHE A 449 -9.24 16.04 -4.89
N ILE A 450 -8.40 15.65 -3.92
CA ILE A 450 -7.15 14.94 -4.13
C ILE A 450 -7.30 13.72 -3.22
N GLY A 451 -7.39 12.55 -3.80
CA GLY A 451 -7.65 11.32 -3.01
C GLY A 451 -6.36 10.53 -2.84
N VAL A 452 -6.15 10.05 -1.63
CA VAL A 452 -4.98 9.24 -1.34
C VAL A 452 -5.40 7.81 -0.98
N LEU A 453 -4.77 6.88 -1.69
CA LEU A 453 -5.13 5.53 -1.42
C LEU A 453 -3.94 4.88 -0.76
N ASP A 454 -4.14 4.39 0.45
CA ASP A 454 -3.08 3.73 1.19
C ASP A 454 -3.51 2.30 1.42
N ILE A 455 -2.92 1.43 0.61
CA ILE A 455 -3.36 0.06 0.62
C ILE A 455 -2.22 -0.85 0.25
N SER A 456 -2.29 -2.07 0.74
CA SER A 456 -1.21 -3.01 0.30
C SER A 456 -1.12 -3.26 -1.19
N GLY A 457 0.07 -3.60 -1.67
CA GLY A 457 0.23 -3.98 -3.04
C GLY A 457 -0.15 -5.50 -3.01
N PHE A 458 0.30 -6.27 -4.00
CA PHE A 458 0.04 -7.68 -4.07
C PHE A 458 0.55 -8.39 -2.84
N GLU A 459 -0.22 -9.33 -2.32
CA GLU A 459 0.16 -10.10 -1.15
C GLU A 459 0.40 -11.55 -1.54
N ILE A 460 1.66 -12.01 -1.43
CA ILE A 460 1.93 -13.42 -1.69
C ILE A 460 2.60 -14.03 -0.46
N PHE A 461 1.80 -14.56 0.49
CA PHE A 461 2.26 -15.12 1.73
C PHE A 461 2.39 -16.62 1.69
N LYS A 462 2.78 -17.19 2.82
CA LYS A 462 2.97 -18.62 2.98
C LYS A 462 1.64 -19.24 2.72
N VAL A 463 0.63 -18.58 3.30
CA VAL A 463 -0.73 -19.04 3.19
C VAL A 463 -1.56 -17.92 2.65
N ASN A 464 -2.25 -18.16 1.54
CA ASN A 464 -3.08 -17.14 0.95
C ASN A 464 -4.54 -17.55 1.05
N SER A 465 -5.41 -16.71 1.63
CA SER A 465 -6.81 -17.00 1.81
C SER A 465 -7.67 -15.96 1.09
N PHE A 466 -8.95 -15.92 1.43
CA PHE A 466 -9.89 -15.06 0.74
C PHE A 466 -9.51 -13.57 0.71
N GLU A 467 -9.03 -13.07 1.82
CA GLU A 467 -8.66 -11.68 1.92
C GLU A 467 -7.50 -11.38 0.99
N GLN A 468 -6.60 -12.38 0.82
CA GLN A 468 -5.48 -12.26 -0.10
C GLN A 468 -6.00 -12.15 -1.58
N LEU A 469 -6.99 -12.96 -1.87
CA LEU A 469 -7.52 -12.91 -3.22
C LEU A 469 -8.13 -11.50 -3.47
N CYS A 470 -8.82 -11.00 -2.47
CA CYS A 470 -9.43 -9.70 -2.58
C CYS A 470 -8.41 -8.61 -2.92
N ILE A 471 -7.41 -8.51 -2.07
CA ILE A 471 -6.39 -7.53 -2.25
C ILE A 471 -5.68 -7.70 -3.57
N ASN A 472 -5.43 -8.96 -3.99
CA ASN A 472 -4.70 -9.15 -5.22
C ASN A 472 -5.56 -8.80 -6.42
N TYR A 473 -6.88 -9.01 -6.22
CA TYR A 473 -7.88 -8.62 -7.23
C TYR A 473 -7.83 -7.07 -7.44
N THR A 474 -7.84 -6.36 -6.33
CA THR A 474 -7.73 -4.91 -6.39
C THR A 474 -6.47 -4.49 -7.13
N ASN A 475 -5.39 -5.19 -6.77
CA ASN A 475 -4.08 -4.92 -7.32
C ASN A 475 -4.03 -5.12 -8.82
N GLU A 476 -4.73 -6.16 -9.33
CA GLU A 476 -4.73 -6.37 -10.78
C GLU A 476 -5.38 -5.19 -11.45
N LYS A 477 -6.45 -4.72 -10.77
CA LYS A 477 -7.17 -3.55 -11.28
C LYS A 477 -6.30 -2.29 -11.33
N LEU A 478 -5.59 -2.04 -10.20
CA LEU A 478 -4.73 -0.83 -10.15
C LEU A 478 -3.58 -0.94 -11.11
N GLN A 479 -3.04 -2.14 -11.26
CA GLN A 479 -1.95 -2.30 -12.22
C GLN A 479 -2.43 -2.05 -13.65
N GLN A 480 -3.62 -2.55 -13.97
CA GLN A 480 -4.17 -2.33 -15.28
C GLN A 480 -4.47 -0.81 -15.50
N PHE A 481 -4.95 -0.14 -14.47
CA PHE A 481 -5.16 1.30 -14.53
C PHE A 481 -3.83 2.00 -14.77
N PHE A 482 -2.79 1.53 -14.11
CA PHE A 482 -1.50 2.12 -14.36
C PHE A 482 -1.06 1.95 -15.81
N ASN A 483 -1.16 0.73 -16.28
CA ASN A 483 -0.77 0.44 -17.64
C ASN A 483 -1.51 1.28 -18.64
N HIS A 484 -2.82 1.43 -18.43
CA HIS A 484 -3.60 2.25 -19.32
C HIS A 484 -3.12 3.67 -19.25
N HIS A 485 -2.89 4.12 -18.04
CA HIS A 485 -2.44 5.47 -17.86
C HIS A 485 -1.08 5.71 -18.51
N MET A 486 -0.15 4.80 -18.26
CA MET A 486 1.17 4.94 -18.85
C MET A 486 1.09 5.02 -20.35
N PHE A 487 0.19 4.24 -20.91
CA PHE A 487 -0.03 4.23 -22.34
C PHE A 487 -0.40 5.59 -22.89
N LYS A 488 -1.43 6.23 -22.34
CA LYS A 488 -1.82 7.53 -22.86
C LYS A 488 -0.75 8.60 -22.71
N VAL A 489 -0.16 8.58 -21.53
CA VAL A 489 0.82 9.54 -21.14
C VAL A 489 2.08 9.50 -22.00
N GLU A 490 2.42 8.27 -22.39
CA GLU A 490 3.57 8.07 -23.25
C GLU A 490 3.22 8.52 -24.64
N GLN A 491 2.01 8.17 -25.06
CA GLN A 491 1.55 8.55 -26.39
C GLN A 491 1.50 10.08 -26.54
N GLU A 492 0.94 10.73 -25.52
CA GLU A 492 0.80 12.17 -25.53
C GLU A 492 2.14 12.85 -25.64
N LYS A 493 3.12 12.32 -24.91
CA LYS A 493 4.46 12.85 -24.91
C LYS A 493 5.06 12.77 -26.30
N TYR A 494 4.97 11.61 -26.91
CA TYR A 494 5.49 11.39 -28.24
C TYR A 494 4.82 12.34 -29.21
N LEU A 495 3.54 12.58 -28.95
CA LEU A 495 2.71 13.46 -29.78
C LEU A 495 3.08 14.93 -29.71
N LYS A 496 3.39 15.43 -28.50
CA LYS A 496 3.79 16.82 -28.22
C LYS A 496 5.22 17.19 -28.74
N GLU A 497 6.00 16.15 -29.10
CA GLU A 497 7.36 16.31 -29.61
C GLU A 497 7.47 16.02 -31.12
N LYS A 498 6.47 15.28 -31.62
CA LYS A 498 6.36 14.85 -33.00
C LYS A 498 7.20 13.59 -33.22
N ILE A 499 6.88 12.48 -32.52
CA ILE A 499 7.64 11.23 -32.53
C ILE A 499 7.01 9.96 -33.23
N ASN A 500 7.13 8.79 -32.55
CA ASN A 500 6.65 7.46 -33.04
C ASN A 500 5.46 6.81 -32.24
N LEU A 508 -2.14 -6.90 -23.49
CA LEU A 508 -2.80 -6.85 -22.18
C LEU A 508 -2.30 -7.95 -21.30
N ASP A 509 -3.34 -8.64 -20.80
CA ASP A 509 -3.26 -9.83 -19.97
C ASP A 509 -4.00 -9.65 -18.66
N SER A 510 -4.11 -8.38 -18.20
CA SER A 510 -4.74 -8.08 -16.90
C SER A 510 -6.21 -8.50 -16.93
N GLN A 511 -6.78 -8.37 -18.16
CA GLN A 511 -8.18 -8.73 -18.31
C GLN A 511 -8.56 -10.19 -17.98
N ALA A 512 -7.72 -11.07 -18.46
CA ALA A 512 -7.98 -12.49 -18.28
C ALA A 512 -7.99 -12.87 -16.83
N THR A 513 -7.02 -12.33 -16.11
CA THR A 513 -6.92 -12.63 -14.69
C THR A 513 -8.11 -12.01 -14.00
N ILE A 514 -8.38 -10.73 -14.34
CA ILE A 514 -9.52 -10.04 -13.72
C ILE A 514 -10.79 -10.82 -13.98
N ASP A 515 -10.92 -11.29 -15.23
CA ASP A 515 -12.13 -12.05 -15.56
C ASP A 515 -12.19 -13.37 -14.85
N LEU A 516 -11.05 -14.07 -14.70
CA LEU A 516 -11.12 -15.30 -13.95
C LEU A 516 -11.67 -15.08 -12.54
N ILE A 517 -11.31 -13.98 -11.96
CA ILE A 517 -11.81 -13.76 -10.61
C ILE A 517 -13.20 -13.21 -10.60
N ASP A 518 -13.43 -12.12 -11.34
CA ASP A 518 -14.75 -11.50 -11.17
C ASP A 518 -15.84 -11.70 -12.27
N GLY A 519 -15.54 -12.49 -13.28
CA GLY A 519 -16.48 -12.74 -14.37
C GLY A 519 -17.88 -13.22 -13.94
N ARG A 520 -18.89 -12.82 -14.73
CA ARG A 520 -20.26 -13.28 -14.44
C ARG A 520 -20.66 -14.47 -15.33
N GLN A 521 -20.34 -14.41 -16.59
CA GLN A 521 -20.62 -15.47 -17.51
C GLN A 521 -19.58 -15.50 -18.60
N PRO A 522 -18.80 -16.59 -18.69
CA PRO A 522 -18.83 -17.71 -17.74
C PRO A 522 -18.47 -17.18 -16.35
N PRO A 523 -18.92 -17.87 -15.35
CA PRO A 523 -18.68 -17.38 -14.02
C PRO A 523 -17.23 -17.48 -13.60
N GLY A 524 -16.75 -16.47 -12.85
CA GLY A 524 -15.40 -16.50 -12.33
C GLY A 524 -15.43 -17.08 -10.91
N ILE A 525 -14.28 -16.98 -10.22
CA ILE A 525 -14.14 -17.51 -8.87
C ILE A 525 -15.17 -16.95 -7.95
N LEU A 526 -15.30 -15.62 -7.92
CA LEU A 526 -16.26 -15.05 -6.99
C LEU A 526 -17.71 -15.42 -7.27
N ALA A 527 -18.07 -15.51 -8.57
CA ALA A 527 -19.46 -15.85 -8.91
C ALA A 527 -19.75 -17.28 -8.40
N LEU A 528 -18.82 -18.23 -8.63
CA LEU A 528 -18.98 -19.58 -8.12
C LEU A 528 -19.07 -19.63 -6.59
N LEU A 529 -18.27 -18.81 -5.94
CA LEU A 529 -18.26 -18.76 -4.50
C LEU A 529 -19.61 -18.28 -4.05
N ASP A 530 -20.08 -17.23 -4.72
CA ASP A 530 -21.35 -16.73 -4.28
C ASP A 530 -22.38 -17.81 -4.46
N GLU A 531 -22.28 -18.52 -5.54
CA GLU A 531 -23.31 -19.53 -5.73
C GLU A 531 -23.35 -20.60 -4.67
N GLN A 532 -22.18 -21.04 -4.23
CA GLN A 532 -22.14 -22.07 -3.18
C GLN A 532 -22.65 -21.48 -1.88
N SER A 533 -22.71 -20.16 -1.83
CA SER A 533 -23.10 -19.46 -0.63
C SER A 533 -24.54 -19.60 -0.15
N VAL A 534 -25.43 -19.89 -1.07
CA VAL A 534 -26.87 -20.02 -0.77
C VAL A 534 -27.24 -21.35 -0.10
N PHE A 535 -26.31 -22.31 -0.27
CA PHE A 535 -26.41 -23.68 0.24
C PHE A 535 -25.78 -23.84 1.59
N PRO A 536 -26.68 -23.89 2.56
CA PRO A 536 -26.36 -24.06 3.96
C PRO A 536 -25.43 -25.24 4.19
N ASN A 537 -25.64 -26.29 3.40
CA ASN A 537 -24.81 -27.46 3.58
C ASN A 537 -23.54 -27.50 2.77
N ALA A 538 -23.25 -26.46 1.97
CA ALA A 538 -22.05 -26.50 1.13
C ALA A 538 -20.80 -26.56 1.99
N THR A 539 -19.74 -27.12 1.40
CA THR A 539 -18.50 -27.25 2.12
C THR A 539 -17.32 -26.72 1.31
N ASP A 540 -16.20 -26.59 1.97
CA ASP A 540 -14.97 -26.22 1.34
C ASP A 540 -14.66 -27.19 0.17
N ASN A 541 -15.00 -28.49 0.37
CA ASN A 541 -14.76 -29.45 -0.68
C ASN A 541 -15.69 -29.25 -1.89
N THR A 542 -16.94 -28.91 -1.65
CA THR A 542 -17.82 -28.69 -2.78
C THR A 542 -17.34 -27.51 -3.56
N LEU A 543 -17.00 -26.46 -2.84
CA LEU A 543 -16.45 -25.26 -3.45
C LEU A 543 -15.19 -25.51 -4.29
N ILE A 544 -14.13 -26.02 -3.66
CA ILE A 544 -12.91 -26.23 -4.45
C ILE A 544 -13.13 -27.17 -5.66
N THR A 545 -14.00 -28.18 -5.52
CA THR A 545 -14.27 -29.10 -6.66
C THR A 545 -14.94 -28.32 -7.80
N LYS A 546 -15.91 -27.45 -7.44
CA LYS A 546 -16.58 -26.63 -8.46
C LYS A 546 -15.56 -25.75 -9.20
N LEU A 547 -14.70 -25.05 -8.41
CA LEU A 547 -13.64 -24.20 -9.01
C LEU A 547 -12.77 -25.01 -9.97
N HIS A 548 -12.22 -26.16 -9.56
CA HIS A 548 -11.41 -26.93 -10.50
C HIS A 548 -12.28 -27.40 -11.70
N SER A 549 -13.56 -27.77 -11.41
CA SER A 549 -14.47 -28.24 -12.43
C SER A 549 -14.54 -27.20 -13.56
N HIS A 550 -14.61 -25.93 -13.18
CA HIS A 550 -14.74 -24.95 -14.25
C HIS A 550 -13.45 -24.49 -14.77
N PHE A 551 -12.33 -24.51 -14.00
CA PHE A 551 -11.13 -23.88 -14.55
C PHE A 551 -9.88 -24.73 -14.72
N SER A 552 -9.84 -25.91 -14.08
CA SER A 552 -8.62 -26.75 -14.22
C SER A 552 -8.40 -27.24 -15.65
N LYS A 553 -7.32 -26.78 -16.32
CA LYS A 553 -6.97 -27.11 -17.71
C LYS A 553 -7.92 -26.43 -18.67
N LYS A 554 -8.74 -25.56 -18.13
CA LYS A 554 -9.76 -24.88 -18.93
C LYS A 554 -9.50 -23.39 -18.98
N ASN A 555 -8.98 -22.80 -17.90
CA ASN A 555 -8.68 -21.41 -17.90
C ASN A 555 -7.19 -21.31 -17.73
N ALA A 556 -6.51 -20.68 -18.65
CA ALA A 556 -5.08 -20.51 -18.60
C ALA A 556 -4.45 -19.80 -17.36
N LYS A 557 -5.18 -18.96 -16.65
CA LYS A 557 -4.60 -18.27 -15.51
C LYS A 557 -4.81 -19.05 -14.22
N TYR A 558 -5.39 -20.27 -14.37
CA TYR A 558 -5.74 -21.08 -13.25
C TYR A 558 -4.94 -22.33 -13.17
N GLU A 559 -4.66 -22.78 -11.96
CA GLU A 559 -4.00 -24.06 -11.86
C GLU A 559 -4.47 -24.89 -10.70
N GLU A 560 -4.86 -26.14 -11.02
CA GLU A 560 -5.23 -27.09 -9.98
C GLU A 560 -3.92 -27.77 -9.45
N PRO A 561 -3.63 -27.71 -8.16
CA PRO A 561 -2.40 -28.30 -7.67
C PRO A 561 -2.25 -29.80 -7.94
N ARG A 562 -1.00 -30.24 -8.02
CA ARG A 562 -0.67 -31.62 -8.24
C ARG A 562 -1.20 -32.51 -7.13
N PHE A 563 -1.10 -32.08 -5.89
CA PHE A 563 -1.59 -32.97 -4.83
C PHE A 563 -2.55 -32.33 -3.84
N SER A 564 -2.36 -31.07 -3.51
CA SER A 564 -3.22 -30.43 -2.54
C SER A 564 -4.65 -30.46 -3.05
N LYS A 565 -5.57 -30.77 -2.16
CA LYS A 565 -6.99 -30.85 -2.43
C LYS A 565 -7.68 -29.58 -1.93
N THR A 566 -6.93 -28.67 -1.30
CA THR A 566 -7.62 -27.53 -0.74
C THR A 566 -7.13 -26.22 -1.32
N GLU A 567 -6.29 -26.31 -2.29
CA GLU A 567 -5.79 -25.05 -2.79
C GLU A 567 -5.95 -24.96 -4.28
N PHE A 568 -5.69 -23.76 -4.78
CA PHE A 568 -5.72 -23.49 -6.21
C PHE A 568 -4.86 -22.31 -6.50
N GLY A 569 -4.34 -22.30 -7.70
CA GLY A 569 -3.45 -21.22 -8.12
C GLY A 569 -4.04 -20.31 -9.15
N VAL A 570 -3.69 -19.04 -8.97
CA VAL A 570 -4.03 -17.98 -9.91
C VAL A 570 -2.78 -17.32 -10.41
N THR A 571 -2.69 -17.17 -11.72
CA THR A 571 -1.57 -16.45 -12.31
C THR A 571 -1.88 -14.96 -12.30
N HIS A 572 -1.26 -14.26 -11.40
CA HIS A 572 -1.46 -12.86 -11.26
C HIS A 572 -0.35 -12.11 -11.96
N TYR A 573 -0.51 -10.78 -12.02
CA TYR A 573 0.44 -9.90 -12.65
C TYR A 573 1.83 -10.13 -11.97
N ALA A 574 1.82 -10.20 -10.65
CA ALA A 574 3.03 -10.40 -9.90
C ALA A 574 3.50 -11.84 -9.89
N GLY A 575 2.82 -12.72 -10.60
CA GLY A 575 3.18 -14.13 -10.61
C GLY A 575 2.08 -15.01 -10.04
N GLN A 576 2.29 -16.34 -9.98
CA GLN A 576 1.29 -17.26 -9.43
C GLN A 576 1.13 -17.18 -7.93
N VAL A 577 -0.11 -17.21 -7.51
CA VAL A 577 -0.41 -17.18 -6.11
C VAL A 577 -1.27 -18.41 -5.84
N MET A 578 -0.93 -19.15 -4.81
CA MET A 578 -1.68 -20.31 -4.40
C MET A 578 -2.57 -19.93 -3.23
N TYR A 579 -3.89 -20.14 -3.41
CA TYR A 579 -4.89 -19.85 -2.39
C TYR A 579 -5.46 -21.15 -1.88
N GLU A 580 -5.75 -21.12 -0.60
CA GLU A 580 -6.34 -22.15 0.25
C GLU A 580 -7.80 -21.72 0.44
N ILE A 581 -8.70 -22.68 0.30
CA ILE A 581 -10.12 -22.41 0.35
C ILE A 581 -10.80 -22.55 1.72
N GLN A 582 -10.06 -22.96 2.73
CA GLN A 582 -10.71 -23.16 4.00
C GLN A 582 -11.48 -21.97 4.52
N ASP A 583 -12.72 -22.24 4.94
CA ASP A 583 -13.64 -21.27 5.50
C ASP A 583 -14.14 -20.18 4.55
N TRP A 584 -13.85 -20.30 3.28
CA TRP A 584 -14.31 -19.29 2.34
C TRP A 584 -15.79 -19.14 2.37
N LEU A 585 -16.50 -20.26 2.54
CA LEU A 585 -17.95 -20.18 2.59
C LEU A 585 -18.43 -19.29 3.71
N GLU A 586 -17.80 -19.46 4.86
CA GLU A 586 -18.14 -18.71 6.04
C GLU A 586 -17.77 -17.25 5.96
N LYS A 587 -16.57 -17.06 5.42
CA LYS A 587 -16.07 -15.71 5.19
C LYS A 587 -16.99 -14.91 4.23
N ASN A 588 -17.54 -15.61 3.22
CA ASN A 588 -18.40 -15.02 2.23
C ASN A 588 -19.69 -14.55 2.83
N LYS A 589 -20.18 -15.27 3.83
CA LYS A 589 -21.43 -14.91 4.48
C LYS A 589 -21.27 -14.07 5.73
N ASP A 590 -20.17 -14.29 6.45
CA ASP A 590 -19.95 -13.53 7.65
C ASP A 590 -21.18 -13.60 8.57
N PRO A 591 -21.68 -14.81 8.77
CA PRO A 591 -22.87 -14.96 9.55
C PRO A 591 -22.77 -14.60 11.02
N LEU A 592 -23.91 -14.19 11.52
CA LEU A 592 -24.10 -13.90 12.93
C LEU A 592 -25.50 -14.37 13.26
N GLN A 593 -25.68 -15.09 14.35
CA GLN A 593 -26.98 -15.62 14.69
C GLN A 593 -28.01 -14.51 14.90
N GLN A 594 -29.23 -14.69 14.37
CA GLN A 594 -30.29 -13.68 14.56
C GLN A 594 -30.53 -13.30 16.03
N ASP A 595 -30.52 -14.33 16.91
CA ASP A 595 -30.73 -14.05 18.31
C ASP A 595 -29.77 -13.00 18.85
N LEU A 596 -28.51 -13.16 18.48
CA LEU A 596 -27.51 -12.20 18.90
C LEU A 596 -27.85 -10.81 18.37
N GLU A 597 -28.35 -10.72 17.14
CA GLU A 597 -28.71 -9.40 16.62
C GLU A 597 -29.84 -8.78 17.41
N LEU A 598 -30.77 -9.68 17.78
CA LEU A 598 -31.95 -9.32 18.53
C LEU A 598 -31.58 -8.87 19.92
N CYS A 599 -30.66 -9.61 20.51
CA CYS A 599 -30.16 -9.27 21.83
C CYS A 599 -29.58 -7.86 21.88
N PHE A 600 -28.65 -7.60 20.97
CA PHE A 600 -27.93 -6.33 20.89
C PHE A 600 -28.79 -5.16 20.45
N LYS A 601 -29.78 -5.44 19.59
CA LYS A 601 -30.68 -4.37 19.16
C LYS A 601 -31.37 -3.60 20.33
N ASP A 602 -31.60 -4.32 21.46
CA ASP A 602 -32.23 -3.86 22.71
C ASP A 602 -31.23 -3.26 23.68
N SER A 603 -30.03 -3.04 23.21
CA SER A 603 -29.04 -2.49 24.10
C SER A 603 -29.50 -1.16 24.62
N SER A 604 -29.17 -0.89 25.88
CA SER A 604 -29.46 0.42 26.43
C SER A 604 -28.38 1.41 26.04
N ASP A 605 -27.25 0.91 25.54
CA ASP A 605 -26.16 1.79 25.12
C ASP A 605 -26.49 2.57 23.86
N ASN A 606 -26.18 3.86 23.93
CA ASN A 606 -26.47 4.77 22.83
C ASN A 606 -25.78 4.48 21.51
N VAL A 607 -24.57 3.96 21.65
CA VAL A 607 -23.78 3.63 20.49
C VAL A 607 -24.09 2.23 20.00
N VAL A 608 -24.22 1.33 20.95
CA VAL A 608 -24.52 -0.04 20.62
C VAL A 608 -25.77 -0.17 19.77
N THR A 609 -26.77 0.59 20.13
CA THR A 609 -28.02 0.58 19.40
C THR A 609 -27.80 0.84 17.91
N LYS A 610 -26.96 1.82 17.61
CA LYS A 610 -26.66 2.13 16.22
C LYS A 610 -26.06 0.98 15.40
N LEU A 611 -25.15 0.26 16.03
CA LEU A 611 -24.42 -0.84 15.41
C LEU A 611 -25.33 -1.96 14.96
N PHE A 612 -26.42 -2.19 15.69
CA PHE A 612 -27.34 -3.25 15.31
C PHE A 612 -28.60 -2.74 14.63
N ASN A 613 -28.92 -1.46 14.90
CA ASN A 613 -30.16 -0.86 14.40
C ASN A 613 -30.00 -0.08 13.11
N ASP A 614 -28.82 0.45 12.85
CA ASP A 614 -28.58 1.18 11.62
C ASP A 614 -28.15 0.20 10.51
N PRO A 615 -29.05 -0.12 9.61
CA PRO A 615 -28.78 -1.06 8.53
C PRO A 615 -27.57 -0.68 7.70
N ASN A 616 -27.31 0.62 7.67
CA ASN A 616 -26.15 1.11 6.96
C ASN A 616 -24.88 0.57 7.61
N ILE A 617 -25.01 0.23 8.89
CA ILE A 617 -23.93 -0.31 9.70
C ILE A 617 -24.17 -1.78 9.93
N ALA A 618 -25.36 -2.13 10.35
CA ALA A 618 -25.64 -3.49 10.68
C ALA A 618 -25.65 -4.43 9.50
N SER A 619 -25.64 -3.92 8.27
CA SER A 619 -25.75 -4.80 7.11
C SER A 619 -25.06 -4.35 5.86
N ARG A 620 -24.91 -5.39 5.01
CA ARG A 620 -24.27 -5.29 3.72
C ARG A 620 -25.05 -4.63 2.59
N ALA A 621 -26.29 -5.02 2.35
CA ALA A 621 -26.96 -4.46 1.19
C ALA A 621 -27.46 -2.99 1.15
N PHE A 627 -29.57 -10.00 1.17
CA PHE A 627 -28.31 -9.28 1.33
C PHE A 627 -27.24 -9.86 0.39
N LEU A 628 -26.32 -9.01 -0.04
CA LEU A 628 -25.22 -9.38 -0.89
C LEU A 628 -24.12 -10.06 -0.06
N THR A 629 -23.30 -10.89 -0.69
CA THR A 629 -22.24 -11.53 0.05
C THR A 629 -21.04 -10.60 0.24
N VAL A 630 -20.08 -11.08 1.01
CA VAL A 630 -18.87 -10.33 1.25
C VAL A 630 -18.12 -10.09 -0.07
N ALA A 631 -18.10 -11.12 -0.91
CA ALA A 631 -17.44 -11.01 -2.21
C ALA A 631 -18.09 -9.99 -3.12
N ALA A 632 -19.41 -10.02 -3.14
CA ALA A 632 -20.16 -9.09 -3.98
C ALA A 632 -19.95 -7.67 -3.48
N GLN A 633 -19.92 -7.45 -2.19
CA GLN A 633 -19.70 -6.10 -1.73
C GLN A 633 -18.28 -5.67 -2.04
N TYR A 634 -17.35 -6.60 -1.98
CA TYR A 634 -15.98 -6.22 -2.25
C TYR A 634 -15.85 -5.80 -3.67
N LYS A 635 -16.50 -6.57 -4.54
CA LYS A 635 -16.40 -6.26 -5.94
C LYS A 635 -17.01 -4.88 -6.25
N GLU A 636 -18.07 -4.61 -5.57
CA GLU A 636 -18.78 -3.40 -5.82
C GLU A 636 -18.01 -2.23 -5.36
N GLN A 637 -17.51 -2.35 -4.17
CA GLN A 637 -16.68 -1.28 -3.63
C GLN A 637 -15.42 -1.04 -4.44
N LEU A 638 -14.87 -2.09 -5.01
CA LEU A 638 -13.68 -1.89 -5.78
C LEU A 638 -14.08 -1.17 -7.08
N ALA A 639 -15.28 -1.55 -7.59
CA ALA A 639 -15.67 -0.90 -8.84
C ALA A 639 -15.91 0.61 -8.63
N SER A 640 -16.50 0.94 -7.50
CA SER A 640 -16.73 2.37 -7.26
C SER A 640 -15.42 3.13 -7.12
N LEU A 641 -14.48 2.51 -6.39
CA LEU A 641 -13.18 3.10 -6.23
C LEU A 641 -12.56 3.31 -7.58
N MET A 642 -12.52 2.29 -8.43
CA MET A 642 -11.88 2.51 -9.68
C MET A 642 -12.55 3.63 -10.52
N ALA A 643 -13.89 3.68 -10.40
CA ALA A 643 -14.68 4.65 -11.11
C ALA A 643 -14.18 6.04 -10.77
N THR A 644 -14.05 6.26 -9.47
CA THR A 644 -13.55 7.49 -8.90
C THR A 644 -12.19 7.79 -9.44
N LEU A 645 -11.30 6.82 -9.33
CA LEU A 645 -9.95 7.03 -9.83
C LEU A 645 -9.91 7.46 -11.28
N GLU A 646 -10.82 6.88 -12.04
CA GLU A 646 -10.88 7.08 -13.45
C GLU A 646 -11.13 8.52 -13.80
N THR A 647 -11.78 9.15 -12.84
CA THR A 647 -12.09 10.53 -13.01
C THR A 647 -10.93 11.40 -12.56
N THR A 648 -9.83 10.84 -12.08
CA THR A 648 -8.77 11.73 -11.58
C THR A 648 -7.53 11.71 -12.43
N ASN A 649 -6.62 12.63 -12.14
CA ASN A 649 -5.31 12.62 -12.74
C ASN A 649 -4.45 11.90 -11.68
N PRO A 650 -3.91 10.68 -11.95
CA PRO A 650 -3.28 9.95 -10.89
C PRO A 650 -1.76 10.08 -10.83
N HIS A 651 -1.25 9.76 -9.62
CA HIS A 651 0.16 9.82 -9.30
C HIS A 651 0.44 8.56 -8.51
N PHE A 652 1.54 7.92 -8.86
CA PHE A 652 1.85 6.64 -8.26
C PHE A 652 3.13 6.61 -7.43
N VAL A 653 2.96 6.18 -6.18
CA VAL A 653 4.09 6.02 -5.28
C VAL A 653 4.21 4.51 -4.94
N ARG A 654 5.39 4.00 -5.18
CA ARG A 654 5.71 2.61 -4.88
C ARG A 654 6.70 2.63 -3.71
N CYS A 655 6.19 2.24 -2.58
CA CYS A 655 6.95 2.11 -1.32
C CYS A 655 7.59 0.74 -1.30
N ILE A 656 8.91 0.71 -1.02
CA ILE A 656 9.75 -0.51 -1.01
C ILE A 656 10.36 -0.75 0.37
N ILE A 657 10.21 -1.95 0.87
CA ILE A 657 10.83 -2.37 2.13
C ILE A 657 12.28 -2.80 1.77
N PRO A 658 13.32 -2.29 2.50
CA PRO A 658 14.69 -2.63 2.09
C PRO A 658 15.15 -4.08 2.45
N ASN A 659 14.49 -4.70 3.47
CA ASN A 659 14.83 -6.02 3.95
C ASN A 659 13.68 -6.49 4.76
N ASN A 660 13.83 -7.68 5.36
CA ASN A 660 12.74 -8.22 6.21
C ASN A 660 13.00 -8.12 7.70
N LYS A 661 13.98 -7.32 8.07
CA LYS A 661 14.30 -7.26 9.47
C LYS A 661 14.04 -5.94 10.11
N GLN A 662 13.42 -4.99 9.42
CA GLN A 662 13.19 -3.70 10.05
C GLN A 662 14.46 -2.93 10.44
N LEU A 663 15.52 -3.13 9.67
CA LEU A 663 16.82 -2.49 9.89
C LEU A 663 17.18 -1.46 8.80
N PRO A 664 17.85 -0.38 9.29
CA PRO A 664 18.40 0.67 8.46
C PRO A 664 19.73 0.17 7.90
N ALA A 665 20.19 0.83 6.87
CA ALA A 665 21.48 0.58 6.19
C ALA A 665 21.62 -0.87 5.74
N LYS A 666 20.49 -1.49 5.37
CA LYS A 666 20.50 -2.90 4.95
C LYS A 666 19.55 -3.20 3.78
N LEU A 667 19.95 -2.72 2.60
CA LEU A 667 19.23 -2.86 1.34
C LEU A 667 19.67 -4.18 0.65
N GLU A 668 18.77 -5.16 0.70
CA GLU A 668 18.95 -6.50 0.17
C GLU A 668 18.42 -6.58 -1.24
N ASP A 669 19.34 -6.83 -2.16
CA ASP A 669 19.03 -6.92 -3.53
C ASP A 669 17.82 -7.79 -3.86
N LYS A 670 17.79 -8.98 -3.27
CA LYS A 670 16.73 -9.95 -3.51
C LYS A 670 15.40 -9.44 -3.03
N VAL A 671 15.38 -8.91 -1.80
CA VAL A 671 14.16 -8.37 -1.20
C VAL A 671 13.61 -7.25 -2.07
N VAL A 672 14.53 -6.41 -2.48
CA VAL A 672 14.19 -5.26 -3.26
C VAL A 672 13.71 -5.58 -4.67
N LEU A 673 14.49 -6.36 -5.38
CA LEU A 673 14.19 -6.69 -6.75
C LEU A 673 12.90 -7.38 -6.94
N ASP A 674 12.61 -8.21 -5.99
CA ASP A 674 11.34 -8.94 -6.04
C ASP A 674 10.20 -7.94 -6.02
N GLN A 675 10.38 -6.90 -5.18
CA GLN A 675 9.38 -5.86 -5.09
C GLN A 675 9.22 -5.07 -6.38
N LEU A 676 10.34 -4.83 -7.02
CA LEU A 676 10.36 -4.08 -8.28
C LEU A 676 9.71 -4.84 -9.43
N ARG A 677 9.82 -6.15 -9.29
CA ARG A 677 9.21 -7.03 -10.27
C ARG A 677 7.66 -7.01 -10.09
N CYS A 678 7.22 -7.21 -8.84
CA CYS A 678 5.81 -7.28 -8.58
C CYS A 678 5.02 -6.00 -8.70
N ASN A 679 5.66 -4.85 -8.49
CA ASN A 679 5.01 -3.58 -8.37
C ASN A 679 4.89 -2.77 -9.63
N GLY A 680 5.42 -3.35 -10.69
CA GLY A 680 5.33 -2.69 -11.99
C GLY A 680 6.48 -1.78 -12.36
N VAL A 681 7.41 -1.54 -11.42
CA VAL A 681 8.53 -0.70 -11.75
C VAL A 681 9.41 -1.24 -12.87
N LEU A 682 9.82 -2.49 -12.76
CA LEU A 682 10.69 -3.03 -13.81
C LEU A 682 9.95 -3.19 -15.14
N GLU A 683 8.68 -3.60 -15.09
CA GLU A 683 7.95 -3.78 -16.33
C GLU A 683 7.89 -2.46 -17.08
N GLY A 684 7.60 -1.44 -16.31
CA GLY A 684 7.49 -0.12 -16.81
C GLY A 684 8.75 0.25 -17.56
N ILE A 685 9.86 -0.06 -16.94
CA ILE A 685 11.15 0.24 -17.54
C ILE A 685 11.42 -0.63 -18.74
N ARG A 686 11.10 -1.90 -18.64
CA ARG A 686 11.30 -2.76 -19.78
C ARG A 686 10.66 -2.09 -20.98
N ILE A 687 9.38 -1.79 -20.79
CA ILE A 687 8.59 -1.12 -21.82
C ILE A 687 9.24 0.16 -22.37
N THR A 688 9.52 1.04 -21.44
CA THR A 688 10.14 2.30 -21.72
C THR A 688 11.42 2.10 -22.55
N ARG A 689 12.33 1.31 -21.99
CA ARG A 689 13.59 0.99 -22.63
C ARG A 689 13.38 0.51 -24.07
N LYS A 690 12.19 0.03 -24.38
CA LYS A 690 12.01 -0.44 -25.73
C LYS A 690 11.99 0.69 -26.76
N GLY A 691 11.56 1.89 -26.34
CA GLY A 691 11.48 3.00 -27.27
C GLY A 691 12.63 4.02 -27.20
N PHE A 692 12.30 5.17 -26.66
CA PHE A 692 13.31 6.20 -26.55
C PHE A 692 13.24 6.71 -25.14
N PRO A 693 13.88 5.91 -24.24
CA PRO A 693 13.99 6.11 -22.80
C PRO A 693 14.56 7.47 -22.40
N ASN A 694 15.64 7.87 -23.07
CA ASN A 694 16.28 9.13 -22.80
C ASN A 694 15.74 10.22 -23.69
N ARG A 695 15.31 11.26 -23.03
CA ARG A 695 14.72 12.42 -23.67
C ARG A 695 15.31 13.64 -23.01
N ILE A 696 16.17 14.28 -23.77
CA ILE A 696 16.91 15.41 -23.25
C ILE A 696 16.58 16.74 -23.94
N ILE A 697 16.55 17.78 -23.11
CA ILE A 697 16.31 19.13 -23.60
C ILE A 697 17.60 19.56 -24.33
N TYR A 698 17.41 20.10 -25.54
CA TYR A 698 18.51 20.54 -26.39
C TYR A 698 19.62 21.28 -25.65
N ALA A 699 19.28 22.39 -25.01
CA ALA A 699 20.27 23.16 -24.31
C ALA A 699 21.05 22.32 -23.30
N ASP A 700 20.35 21.43 -22.58
CA ASP A 700 20.94 20.56 -21.58
C ASP A 700 21.99 19.61 -22.18
N PHE A 701 21.65 19.08 -23.34
CA PHE A 701 22.55 18.17 -24.01
C PHE A 701 23.90 18.84 -24.33
N VAL A 702 23.78 19.95 -25.05
CA VAL A 702 24.88 20.76 -25.53
C VAL A 702 25.71 21.23 -24.36
N LYS A 703 25.02 21.61 -23.28
CA LYS A 703 25.76 22.12 -22.15
C LYS A 703 26.82 21.13 -21.68
N ARG A 704 26.48 19.86 -21.68
CA ARG A 704 27.44 18.87 -21.21
C ARG A 704 28.34 18.33 -22.27
N TYR A 705 27.85 18.25 -23.50
CA TYR A 705 28.64 17.62 -24.53
C TYR A 705 29.26 18.47 -25.61
N TYR A 706 29.08 19.77 -25.50
CA TYR A 706 29.62 20.69 -26.47
C TYR A 706 31.07 20.40 -26.88
N ASP A 707 31.93 20.21 -25.88
CA ASP A 707 33.35 19.96 -26.04
C ASP A 707 33.67 18.69 -26.82
N LEU A 708 32.66 17.85 -27.13
CA LEU A 708 32.89 16.61 -27.87
C LEU A 708 32.90 16.81 -29.38
N ALA A 709 32.62 18.02 -29.78
CA ALA A 709 32.59 18.29 -31.19
C ALA A 709 33.30 19.59 -31.49
N PRO A 710 34.32 19.50 -32.34
CA PRO A 710 35.08 20.66 -32.74
C PRO A 710 34.12 21.54 -33.51
N ASN A 711 33.44 22.44 -32.79
CA ASN A 711 32.45 23.26 -33.45
C ASN A 711 31.66 24.15 -32.46
N VAL A 712 30.91 23.45 -31.57
CA VAL A 712 29.96 23.98 -30.58
C VAL A 712 30.49 24.51 -29.26
N PRO A 713 29.80 25.57 -28.77
CA PRO A 713 30.07 26.23 -27.51
C PRO A 713 28.92 25.94 -26.56
N ARG A 714 29.32 25.73 -25.28
CA ARG A 714 28.42 25.40 -24.18
C ARG A 714 27.02 25.95 -24.32
N ASP A 715 26.89 27.28 -24.19
CA ASP A 715 25.61 27.96 -24.33
C ASP A 715 25.46 28.54 -25.72
N ALA A 716 24.71 27.83 -26.57
CA ALA A 716 24.40 28.19 -27.94
C ALA A 716 22.90 28.45 -28.07
N GLU A 717 22.51 29.32 -28.99
CA GLU A 717 21.09 29.61 -29.13
C GLU A 717 20.38 28.48 -29.88
N ASP A 718 21.02 28.09 -30.97
CA ASP A 718 20.47 27.02 -31.74
C ASP A 718 20.89 25.73 -31.12
N SER A 719 20.21 25.38 -30.04
CA SER A 719 20.56 24.20 -29.29
C SER A 719 20.29 22.91 -30.04
N GLN A 720 19.25 22.91 -30.86
CA GLN A 720 18.91 21.74 -31.61
C GLN A 720 19.96 21.50 -32.68
N LYS A 721 20.37 22.61 -33.29
CA LYS A 721 21.41 22.62 -34.31
C LYS A 721 22.69 22.13 -33.67
N ALA A 722 23.00 22.77 -32.55
CA ALA A 722 24.14 22.44 -31.75
C ALA A 722 24.16 20.92 -31.43
N THR A 723 23.00 20.36 -31.09
CA THR A 723 22.90 18.93 -30.77
C THR A 723 23.33 18.04 -31.94
N ASP A 724 22.72 18.30 -33.09
CA ASP A 724 22.99 17.61 -34.35
C ASP A 724 24.46 17.68 -34.74
N ALA A 725 25.11 18.76 -34.30
CA ALA A 725 26.53 19.02 -34.55
C ALA A 725 27.41 17.99 -33.85
N VAL A 726 27.15 17.83 -32.54
CA VAL A 726 27.87 16.85 -31.75
C VAL A 726 27.62 15.45 -32.32
N LEU A 727 26.32 15.14 -32.47
CA LEU A 727 25.85 13.84 -32.97
C LEU A 727 26.54 13.54 -34.27
N LYS A 728 26.37 14.47 -35.19
CA LYS A 728 27.02 14.40 -36.46
C LYS A 728 28.53 14.17 -36.26
N HIS A 729 29.16 15.04 -35.46
CA HIS A 729 30.57 14.91 -35.20
C HIS A 729 30.91 13.47 -34.82
N LEU A 730 30.22 13.04 -33.78
CA LEU A 730 30.35 11.72 -33.22
C LEU A 730 30.03 10.67 -34.24
N ASN A 731 29.21 11.06 -35.23
CA ASN A 731 28.77 10.15 -36.27
C ASN A 731 27.91 9.07 -35.64
N ILE A 732 26.90 9.48 -34.90
CA ILE A 732 26.03 8.54 -34.23
C ILE A 732 25.02 7.95 -35.20
N ASP A 733 24.59 6.71 -34.94
CA ASP A 733 23.59 6.08 -35.79
C ASP A 733 22.24 6.78 -35.67
N PRO A 734 21.82 7.36 -36.79
CA PRO A 734 20.55 8.04 -36.90
C PRO A 734 19.42 7.29 -36.26
N GLU A 735 19.14 6.01 -36.61
CA GLU A 735 18.00 5.42 -35.96
C GLU A 735 18.12 5.26 -34.47
N GLN A 736 19.29 5.62 -33.95
CA GLN A 736 19.55 5.60 -32.52
C GLN A 736 19.04 6.82 -31.78
N PHE A 737 18.66 7.83 -32.54
CA PHE A 737 18.23 9.05 -31.89
C PHE A 737 17.05 9.69 -32.60
N ARG A 738 16.33 10.58 -31.89
CA ARG A 738 15.18 11.19 -32.49
C ARG A 738 14.98 12.64 -32.13
N PHE A 739 15.08 13.51 -33.15
CA PHE A 739 14.85 14.94 -33.03
C PHE A 739 13.40 15.26 -32.62
N GLY A 740 13.25 15.85 -31.44
CA GLY A 740 11.94 16.22 -30.99
C GLY A 740 11.88 17.73 -31.03
N ILE A 741 10.68 18.28 -31.06
CA ILE A 741 10.47 19.71 -31.06
C ILE A 741 11.33 20.45 -30.02
N THR A 742 11.58 19.81 -28.89
CA THR A 742 12.36 20.46 -27.86
C THR A 742 13.33 19.55 -27.14
N LYS A 743 13.26 18.24 -27.40
CA LYS A 743 14.16 17.30 -26.76
C LYS A 743 14.71 16.34 -27.77
N ILE A 744 15.83 15.79 -27.37
CA ILE A 744 16.47 14.77 -28.16
C ILE A 744 16.12 13.46 -27.51
N PHE A 745 15.49 12.62 -28.29
CA PHE A 745 15.10 11.32 -27.82
C PHE A 745 16.19 10.34 -28.18
N PHE A 746 16.63 9.58 -27.18
CA PHE A 746 17.68 8.59 -27.37
C PHE A 746 17.24 7.20 -27.00
N ARG A 747 17.59 6.25 -27.86
CA ARG A 747 17.33 4.86 -27.59
C ARG A 747 18.29 4.43 -26.52
N ALA A 748 18.01 3.29 -25.93
CA ALA A 748 18.79 2.72 -24.84
C ALA A 748 20.24 2.46 -25.20
N GLY A 749 21.14 2.91 -24.28
CA GLY A 749 22.58 2.76 -24.41
C GLY A 749 23.30 3.85 -25.24
N GLN A 750 22.51 4.54 -26.05
CA GLN A 750 23.06 5.58 -26.89
C GLN A 750 23.80 6.63 -26.05
N LEU A 751 23.08 7.27 -25.18
CA LEU A 751 23.67 8.30 -24.36
C LEU A 751 24.88 7.82 -23.58
N ALA A 752 24.88 6.57 -23.15
CA ALA A 752 25.98 6.05 -22.37
C ALA A 752 27.23 6.01 -23.23
N ARG A 753 27.02 5.66 -24.49
CA ARG A 753 28.13 5.59 -25.41
C ARG A 753 28.70 6.98 -25.61
N ILE A 754 27.80 7.90 -25.86
CA ILE A 754 28.17 9.28 -26.06
C ILE A 754 28.88 9.79 -24.83
N GLU A 755 28.39 9.35 -23.69
CA GLU A 755 29.00 9.78 -22.47
C GLU A 755 30.45 9.36 -22.54
N GLU A 756 30.61 8.16 -23.09
CA GLU A 756 31.88 7.48 -23.28
C GLU A 756 32.78 8.09 -24.35
N ALA A 757 32.32 9.19 -24.95
CA ALA A 757 33.04 9.90 -26.00
C ALA A 757 34.06 10.93 -25.51
N ARG A 758 35.29 10.87 -26.10
CA ARG A 758 36.45 11.72 -25.81
C ARG A 758 36.25 13.21 -26.11
N GLU A 759 36.75 14.09 -25.21
CA GLU A 759 36.62 15.55 -25.42
C GLU A 759 37.62 16.13 -26.43
#